data_1FUJ
#
_entry.id   1FUJ
#
_cell.length_a   85.603
_cell.length_b   54.070
_cell.length_c   113.506
_cell.angle_alpha   90.00
_cell.angle_beta   90.69
_cell.angle_gamma   90.00
#
_symmetry.space_group_name_H-M   'P 1 21 1'
#
loop_
_entity.id
_entity.type
_entity.pdbx_description
1 polymer PR3
2 branched alpha-L-fucopyranose-(1-6)-2-acetamido-2-deoxy-beta-D-glucopyranose
3 water water
#
_entity_poly.entity_id   1
_entity_poly.type   'polypeptide(L)'
_entity_poly.pdbx_seq_one_letter_code
;IVGGHEAQPHSRPYMASLQMRGNPGSHFCGGTLIHPSFVLTAAHCLRDIPQRLVNVVLGAHNVRTQEPTQQHFSVAQVFL
NNYDAENKLNDILLIQLSSPANLSASVATVQLPQQDQPVPHGTQCLAMGWGRVGAHDPPAQVLQELNVTVVTFFCRPHNI
CTFVPRRKAGICFGDSGGPLICDGIIQGIDSFVIWGCATRLFPDFFTRVALYVDWIRSTLR
;
_entity_poly.pdbx_strand_id   A,B,C,D
#
loop_
_chem_comp.id
_chem_comp.type
_chem_comp.name
_chem_comp.formula
FUC L-saccharide, alpha linking alpha-L-fucopyranose 'C6 H12 O5'
NAG D-saccharide, beta linking 2-acetamido-2-deoxy-beta-D-glucopyranose 'C8 H15 N O6'
#
# COMPACT_ATOMS: atom_id res chain seq x y z
N ILE A 1 21.27 -4.93 11.21
CA ILE A 1 20.17 -5.30 12.11
C ILE A 1 19.74 -4.17 13.01
N VAL A 2 18.45 -3.81 13.02
CA VAL A 2 17.99 -2.76 13.93
C VAL A 2 17.39 -3.44 15.16
N GLY A 3 17.63 -2.86 16.33
CA GLY A 3 17.12 -3.35 17.61
C GLY A 3 17.58 -4.72 18.01
N GLY A 4 18.66 -5.16 17.39
CA GLY A 4 19.26 -6.45 17.67
C GLY A 4 20.34 -6.42 18.75
N HIS A 5 21.06 -7.50 18.88
CA HIS A 5 22.10 -7.52 19.89
C HIS A 5 23.28 -8.24 19.29
N GLU A 6 24.44 -7.93 19.84
CA GLU A 6 25.65 -8.51 19.35
C GLU A 6 25.62 -10.02 19.60
N ALA A 7 25.99 -10.77 18.55
CA ALA A 7 26.09 -12.21 18.62
C ALA A 7 27.32 -12.55 19.47
N GLN A 8 27.42 -13.78 19.95
CA GLN A 8 28.61 -14.16 20.71
C GLN A 8 29.60 -14.46 19.59
N PRO A 9 30.82 -13.94 19.70
CA PRO A 9 31.86 -14.12 18.70
C PRO A 9 32.05 -15.54 18.22
N HIS A 10 31.83 -15.70 16.92
CA HIS A 10 31.96 -16.96 16.24
C HIS A 10 30.91 -18.00 16.56
N SER A 11 29.75 -17.53 17.04
CA SER A 11 28.61 -18.43 17.32
C SER A 11 27.87 -18.74 16.04
N ARG A 12 28.12 -17.92 15.02
CA ARG A 12 27.49 -18.04 13.71
C ARG A 12 28.53 -18.17 12.64
N PRO A 13 29.34 -19.22 12.71
CA PRO A 13 30.46 -19.47 11.82
C PRO A 13 30.16 -19.63 10.38
N TYR A 14 28.88 -19.57 10.01
CA TYR A 14 28.53 -19.69 8.59
C TYR A 14 28.27 -18.28 7.96
N MET A 15 28.29 -17.28 8.82
CA MET A 15 28.12 -15.90 8.45
C MET A 15 29.27 -15.46 7.53
N ALA A 16 28.99 -15.08 6.31
CA ALA A 16 30.03 -14.59 5.43
C ALA A 16 29.79 -13.05 5.21
N SER A 17 30.87 -12.29 5.01
CA SER A 17 30.81 -10.85 4.76
C SER A 17 31.31 -10.47 3.39
N LEU A 18 30.45 -9.92 2.57
CA LEU A 18 30.89 -9.61 1.25
C LEU A 18 31.55 -8.27 1.29
N GLN A 19 32.84 -8.23 0.93
CA GLN A 19 33.57 -6.98 0.99
C GLN A 19 34.16 -6.61 -0.36
N MET A 20 34.70 -5.41 -0.43
CA MET A 20 35.31 -4.97 -1.65
C MET A 20 36.79 -5.29 -1.54
N ARG A 21 37.26 -6.04 -2.52
CA ARG A 21 38.67 -6.46 -2.58
C ARG A 21 39.55 -5.23 -2.56
N GLY A 22 40.50 -5.25 -1.63
CA GLY A 22 41.44 -4.14 -1.53
C GLY A 22 41.01 -3.08 -0.54
N ASN A 23 39.76 -3.17 -0.06
CA ASN A 23 39.31 -2.22 0.93
C ASN A 23 38.80 -3.06 2.09
N PRO A 24 39.66 -3.33 3.10
CA PRO A 24 39.28 -4.16 4.24
C PRO A 24 38.24 -3.51 5.16
N GLY A 25 37.21 -4.28 5.48
CA GLY A 25 36.11 -3.79 6.31
C GLY A 25 34.97 -3.18 5.46
N SER A 26 35.09 -3.27 4.12
CA SER A 26 34.11 -2.71 3.17
C SER A 26 32.89 -3.63 2.97
N HIS A 27 32.29 -4.00 4.09
CA HIS A 27 31.14 -4.87 4.08
C HIS A 27 29.99 -4.14 3.41
N PHE A 28 29.40 -4.79 2.42
CA PHE A 28 28.23 -4.24 1.80
C PHE A 28 27.07 -5.20 1.87
N CYS A 29 27.39 -6.50 1.87
CA CYS A 29 26.42 -7.58 1.98
C CYS A 29 26.82 -8.75 2.89
N GLY A 30 25.82 -9.53 3.28
CA GLY A 30 26.01 -10.71 4.08
C GLY A 30 25.91 -11.90 3.17
N GLY A 31 26.28 -13.08 3.66
CA GLY A 31 26.22 -14.27 2.78
C GLY A 31 26.26 -15.45 3.70
N THR A 32 26.03 -16.65 3.20
CA THR A 32 26.03 -17.77 4.11
C THR A 32 26.83 -18.95 3.60
N LEU A 33 27.75 -19.47 4.41
CA LEU A 33 28.56 -20.68 4.01
C LEU A 33 27.71 -21.95 4.08
N ILE A 34 27.49 -22.63 2.97
CA ILE A 34 26.65 -23.80 2.98
C ILE A 34 27.41 -24.99 2.42
N HIS A 35 28.61 -24.71 1.94
CA HIS A 35 29.47 -25.72 1.34
C HIS A 35 30.84 -25.08 1.47
N PRO A 36 31.87 -25.87 1.71
CA PRO A 36 33.23 -25.35 1.94
C PRO A 36 33.77 -24.43 0.86
N SER A 37 33.26 -24.57 -0.35
CA SER A 37 33.55 -23.73 -1.52
C SER A 37 32.29 -22.97 -2.06
N PHE A 38 31.32 -22.63 -1.23
CA PHE A 38 30.15 -21.93 -1.77
C PHE A 38 29.50 -21.07 -0.75
N VAL A 39 29.25 -19.85 -1.14
CA VAL A 39 28.57 -18.95 -0.24
C VAL A 39 27.20 -18.64 -0.90
N LEU A 40 26.17 -18.61 -0.08
CA LEU A 40 24.83 -18.30 -0.56
C LEU A 40 24.54 -16.84 -0.19
N THR A 41 23.94 -16.09 -1.12
CA THR A 41 23.59 -14.70 -0.83
C THR A 41 22.43 -14.26 -1.73
N ALA A 42 22.20 -12.95 -1.77
CA ALA A 42 21.14 -12.34 -2.59
C ALA A 42 21.71 -11.88 -3.92
N ALA A 43 20.98 -12.08 -5.03
CA ALA A 43 21.44 -11.72 -6.35
C ALA A 43 21.64 -10.27 -6.48
N HIS A 44 20.95 -9.56 -5.62
CA HIS A 44 20.94 -8.13 -5.61
C HIS A 44 22.16 -7.48 -4.95
N CYS A 45 23.04 -8.30 -4.40
CA CYS A 45 24.21 -7.80 -3.69
C CYS A 45 25.33 -7.58 -4.66
N LEU A 46 25.18 -8.20 -5.80
CA LEU A 46 26.17 -8.17 -6.85
C LEU A 46 25.60 -7.53 -8.13
N ARG A 47 24.64 -6.63 -7.96
CA ARG A 47 24.02 -5.95 -9.08
C ARG A 47 25.12 -5.01 -9.62
N ASP A 48 25.44 -3.97 -8.82
CA ASP A 48 26.43 -2.94 -9.18
C ASP A 48 27.89 -3.14 -8.74
N ILE A 49 28.32 -4.39 -8.65
CA ILE A 49 29.70 -4.74 -8.28
C ILE A 49 30.17 -5.89 -9.18
N PRO A 50 31.30 -5.71 -9.86
CA PRO A 50 31.79 -6.76 -10.75
C PRO A 50 32.37 -7.83 -9.83
N GLN A 51 32.19 -9.10 -10.26
CA GLN A 51 32.61 -10.33 -9.57
C GLN A 51 34.00 -10.16 -8.98
N ARG A 52 34.94 -9.90 -9.86
CA ARG A 52 36.36 -9.74 -9.53
C ARG A 52 36.70 -8.79 -8.42
N LEU A 53 35.78 -7.93 -8.04
CA LEU A 53 36.08 -6.97 -6.98
C LEU A 53 35.60 -7.42 -5.66
N VAL A 54 34.93 -8.56 -5.67
CA VAL A 54 34.34 -9.09 -4.47
C VAL A 54 35.31 -9.89 -3.64
N ASN A 55 35.35 -9.55 -2.37
CA ASN A 55 36.12 -10.27 -1.41
C ASN A 55 35.20 -10.85 -0.34
N VAL A 56 35.07 -12.17 -0.34
CA VAL A 56 34.23 -12.90 0.63
C VAL A 56 34.99 -13.24 1.93
N VAL A 57 34.59 -12.64 3.03
CA VAL A 57 35.30 -12.82 4.27
C VAL A 57 34.53 -13.73 5.23
N LEU A 58 35.14 -14.89 5.53
CA LEU A 58 34.61 -15.82 6.53
C LEU A 58 35.45 -15.77 7.85
N GLY A 59 34.85 -16.12 8.99
CA GLY A 59 35.51 -16.16 10.31
C GLY A 59 35.41 -14.92 11.15
N ALA A 60 34.55 -13.98 10.74
CA ALA A 60 34.44 -12.72 11.46
C ALA A 60 33.40 -12.56 12.52
N HIS A 61 33.68 -11.50 13.28
CA HIS A 61 32.81 -11.01 14.26
C HIS A 61 32.89 -9.53 14.01
N ASN A 62 34.05 -8.97 14.30
CA ASN A 62 34.32 -7.55 13.99
C ASN A 62 34.88 -7.46 12.55
N VAL A 63 34.05 -7.13 11.55
CA VAL A 63 34.49 -7.02 10.15
C VAL A 63 35.34 -5.79 9.84
N ARG A 64 35.45 -4.85 10.78
CA ARG A 64 36.25 -3.64 10.60
C ARG A 64 37.69 -3.83 11.18
N THR A 65 38.21 -5.07 11.10
CA THR A 65 39.54 -5.45 11.59
C THR A 65 39.95 -6.72 10.87
N GLN A 66 41.25 -7.00 10.84
CA GLN A 66 41.75 -8.22 10.24
C GLN A 66 41.99 -9.20 11.42
N GLU A 67 40.96 -10.00 11.70
CA GLU A 67 40.95 -10.99 12.78
C GLU A 67 41.63 -12.22 12.23
N PRO A 68 42.39 -12.85 13.12
CA PRO A 68 43.16 -14.03 12.78
C PRO A 68 42.24 -15.16 12.34
N THR A 69 41.01 -15.13 12.88
CA THR A 69 39.93 -16.10 12.57
C THR A 69 39.41 -16.02 11.15
N GLN A 70 39.62 -14.87 10.54
CA GLN A 70 39.21 -14.72 9.15
C GLN A 70 39.94 -15.48 8.06
N GLN A 71 39.22 -15.67 6.98
CA GLN A 71 39.69 -16.33 5.83
C GLN A 71 38.99 -15.57 4.71
N HIS A 72 39.72 -15.15 3.68
CA HIS A 72 39.18 -14.33 2.59
C HIS A 72 39.32 -15.07 1.32
N PHE A 73 38.35 -14.89 0.44
CA PHE A 73 38.36 -15.60 -0.82
C PHE A 73 37.90 -14.65 -1.88
N SER A 74 38.21 -15.00 -3.10
CA SER A 74 37.78 -14.17 -4.14
C SER A 74 36.68 -15.02 -4.77
N VAL A 75 36.00 -14.47 -5.75
CA VAL A 75 34.92 -15.15 -6.35
C VAL A 75 35.36 -15.91 -7.57
N ALA A 76 34.97 -17.18 -7.63
CA ALA A 76 35.34 -18.03 -8.75
C ALA A 76 34.33 -17.98 -9.83
N GLN A 77 33.09 -18.14 -9.42
CA GLN A 77 32.03 -18.15 -10.35
C GLN A 77 30.83 -17.75 -9.52
N VAL A 78 29.79 -17.24 -10.18
CA VAL A 78 28.56 -16.94 -9.48
C VAL A 78 27.49 -17.67 -10.28
N PHE A 79 26.45 -18.15 -9.57
CA PHE A 79 25.30 -18.85 -10.20
C PHE A 79 23.99 -18.15 -9.75
N LEU A 80 23.08 -17.96 -10.69
CA LEU A 80 21.79 -17.38 -10.35
C LEU A 80 20.67 -18.16 -11.00
N ASN A 81 19.46 -17.89 -10.53
CA ASN A 81 18.30 -18.59 -11.03
C ASN A 81 17.12 -17.63 -11.25
N ASN A 82 16.99 -17.10 -12.46
CA ASN A 82 15.85 -16.29 -12.88
C ASN A 82 15.50 -15.10 -11.97
N TYR A 83 16.53 -14.39 -11.54
CA TYR A 83 16.36 -13.24 -10.69
C TYR A 83 15.59 -12.16 -11.44
N ASP A 84 14.54 -11.68 -10.82
CA ASP A 84 13.68 -10.65 -11.40
C ASP A 84 13.83 -9.39 -10.54
N ALA A 85 14.63 -8.43 -10.96
CA ALA A 85 14.81 -7.23 -10.10
C ALA A 85 13.64 -6.26 -10.01
N GLU A 86 12.71 -6.28 -10.96
CA GLU A 86 11.64 -5.32 -10.84
C GLU A 86 10.56 -5.80 -9.90
N ASN A 87 10.36 -7.10 -9.89
CA ASN A 87 9.40 -7.75 -9.02
C ASN A 87 10.08 -8.29 -7.75
N LYS A 88 11.40 -8.30 -7.75
CA LYS A 88 12.21 -8.75 -6.62
C LYS A 88 12.00 -10.20 -6.30
N LEU A 89 12.01 -11.01 -7.33
CA LEU A 89 11.86 -12.41 -7.24
C LEU A 89 13.18 -13.13 -7.48
N ASN A 90 13.35 -14.29 -6.82
CA ASN A 90 14.50 -15.15 -6.97
C ASN A 90 15.76 -14.44 -6.65
N ASP A 91 15.69 -13.67 -5.57
CA ASP A 91 16.83 -12.92 -5.16
C ASP A 91 17.77 -13.87 -4.47
N ILE A 92 18.40 -14.72 -5.27
CA ILE A 92 19.31 -15.75 -4.75
C ILE A 92 20.52 -15.86 -5.69
N LEU A 93 21.69 -16.02 -5.10
CA LEU A 93 22.89 -16.12 -5.90
C LEU A 93 23.87 -17.02 -5.16
N LEU A 94 24.52 -17.92 -5.87
CA LEU A 94 25.50 -18.80 -5.23
C LEU A 94 26.90 -18.35 -5.64
N ILE A 95 27.74 -18.07 -4.68
CA ILE A 95 29.10 -17.70 -5.00
C ILE A 95 30.00 -18.91 -4.69
N GLN A 96 30.67 -19.38 -5.73
CA GLN A 96 31.64 -20.41 -5.57
C GLN A 96 32.99 -19.72 -5.22
N LEU A 97 33.49 -19.90 -4.00
CA LEU A 97 34.75 -19.33 -3.55
C LEU A 97 35.92 -19.80 -4.40
N SER A 98 36.96 -18.97 -4.42
CA SER A 98 38.18 -19.22 -5.20
C SER A 98 38.81 -20.51 -4.72
N SER A 99 38.57 -20.80 -3.45
CA SER A 99 39.12 -22.00 -2.83
C SER A 99 38.26 -22.36 -1.66
N PRO A 100 38.30 -23.63 -1.26
CA PRO A 100 37.52 -24.12 -0.16
C PRO A 100 37.89 -23.54 1.17
N ALA A 101 36.89 -23.33 2.03
CA ALA A 101 37.15 -22.79 3.34
C ALA A 101 37.75 -23.94 4.12
N ASN A 102 38.53 -23.62 5.14
CA ASN A 102 39.11 -24.66 5.95
C ASN A 102 38.27 -24.51 7.20
N LEU A 103 37.37 -25.48 7.38
CA LEU A 103 36.43 -25.49 8.48
C LEU A 103 37.14 -25.59 9.77
N SER A 104 36.83 -24.64 10.60
CA SER A 104 37.39 -24.56 11.92
C SER A 104 36.25 -24.20 12.82
N ALA A 105 36.62 -23.55 13.91
CA ALA A 105 35.66 -23.08 14.88
C ALA A 105 34.79 -21.98 14.26
N SER A 106 35.47 -20.88 13.91
CA SER A 106 34.91 -19.67 13.36
C SER A 106 34.31 -19.75 11.98
N VAL A 107 34.64 -20.81 11.24
CA VAL A 107 34.14 -21.06 9.90
C VAL A 107 33.55 -22.44 9.77
N ALA A 108 32.27 -22.48 9.47
CA ALA A 108 31.62 -23.74 9.39
C ALA A 108 30.40 -23.53 8.49
N THR A 109 29.87 -24.62 7.94
CA THR A 109 28.67 -24.64 7.08
C THR A 109 27.30 -24.77 7.84
N VAL A 110 26.23 -24.44 7.15
CA VAL A 110 24.89 -24.53 7.73
C VAL A 110 24.08 -25.38 6.79
N GLN A 111 23.10 -26.05 7.35
CA GLN A 111 22.37 -26.92 6.50
C GLN A 111 21.24 -26.19 5.85
N LEU A 112 20.94 -26.70 4.65
CA LEU A 112 19.90 -26.20 3.81
C LEU A 112 18.63 -26.98 4.18
N PRO A 113 17.48 -26.36 3.98
CA PRO A 113 16.23 -27.03 4.25
C PRO A 113 15.94 -27.97 3.08
N GLN A 114 14.79 -28.65 3.11
CA GLN A 114 14.48 -29.54 2.01
C GLN A 114 13.65 -28.68 1.05
N GLN A 115 13.63 -29.10 -0.20
CA GLN A 115 12.95 -28.42 -1.26
C GLN A 115 11.50 -28.32 -0.95
N ASP A 116 10.97 -27.13 -1.07
CA ASP A 116 9.54 -26.88 -0.85
C ASP A 116 9.14 -27.11 0.60
N GLN A 117 10.14 -27.09 1.48
CA GLN A 117 9.80 -27.30 2.85
C GLN A 117 9.17 -25.99 3.31
N PRO A 118 8.14 -26.12 4.15
CA PRO A 118 7.39 -24.98 4.65
C PRO A 118 7.93 -24.33 5.90
N VAL A 119 7.68 -23.02 6.04
CA VAL A 119 8.08 -22.23 7.24
C VAL A 119 6.84 -21.41 7.64
N PRO A 120 6.04 -21.96 8.55
CA PRO A 120 4.82 -21.30 8.95
C PRO A 120 4.91 -19.94 9.71
N HIS A 121 3.78 -19.24 9.71
CA HIS A 121 3.63 -17.99 10.39
C HIS A 121 3.82 -18.39 11.85
N GLY A 122 4.48 -17.53 12.60
CA GLY A 122 4.76 -17.83 13.98
C GLY A 122 6.14 -18.52 14.18
N THR A 123 6.74 -19.12 13.14
CA THR A 123 8.07 -19.79 13.32
C THR A 123 9.09 -18.76 13.81
N GLN A 124 9.68 -19.05 14.98
CA GLN A 124 10.68 -18.19 15.65
C GLN A 124 12.09 -18.33 15.05
N CYS A 125 12.61 -17.26 14.45
CA CYS A 125 13.88 -17.34 13.78
C CYS A 125 14.85 -16.32 14.26
N LEU A 126 16.04 -16.44 13.68
CA LEU A 126 17.11 -15.53 14.00
C LEU A 126 17.63 -14.84 12.74
N ALA A 127 17.83 -13.54 12.86
CA ALA A 127 18.38 -12.83 11.76
C ALA A 127 19.64 -12.18 12.33
N MET A 128 20.59 -11.99 11.43
CA MET A 128 21.84 -11.45 11.84
C MET A 128 22.55 -10.79 10.69
N GLY A 129 23.44 -9.89 11.05
CA GLY A 129 24.20 -9.22 10.03
C GLY A 129 24.99 -8.07 10.56
N TRP A 130 25.68 -7.43 9.61
CA TRP A 130 26.50 -6.28 9.90
C TRP A 130 25.91 -5.08 9.25
N GLY A 131 24.59 -5.03 9.10
CA GLY A 131 24.00 -3.88 8.42
C GLY A 131 23.87 -2.76 9.38
N ARG A 132 23.31 -1.61 8.95
CA ARG A 132 23.17 -0.41 9.82
C ARG A 132 22.38 -0.81 11.01
N VAL A 133 22.77 -0.31 12.16
CA VAL A 133 22.10 -0.71 13.40
C VAL A 133 21.05 0.30 13.68
N GLY A 134 20.74 1.03 12.61
CA GLY A 134 19.76 2.08 12.57
C GLY A 134 20.22 3.05 11.50
N ALA A 135 19.30 3.93 11.12
CA ALA A 135 19.63 4.94 10.14
C ALA A 135 20.16 6.17 10.90
N HIS A 136 20.49 6.01 12.17
CA HIS A 136 21.02 7.15 12.92
C HIS A 136 22.54 7.19 13.22
N ASP A 137 23.18 6.03 13.09
CA ASP A 137 24.62 5.93 13.28
C ASP A 137 25.09 4.82 12.34
N PRO A 138 26.41 4.67 12.18
CA PRO A 138 26.97 3.66 11.28
C PRO A 138 26.43 2.23 11.34
N PRO A 139 26.90 1.40 10.39
CA PRO A 139 26.59 -0.01 10.37
C PRO A 139 27.33 -0.69 11.54
N ALA A 140 27.11 -2.00 11.68
CA ALA A 140 27.72 -2.79 12.74
C ALA A 140 29.17 -3.22 12.48
N GLN A 141 30.03 -3.00 13.48
CA GLN A 141 31.41 -3.44 13.37
C GLN A 141 31.29 -4.96 13.64
N VAL A 142 30.65 -5.30 14.77
CA VAL A 142 30.45 -6.68 15.22
C VAL A 142 29.13 -7.27 14.77
N LEU A 143 29.08 -8.58 14.60
CA LEU A 143 27.89 -9.24 14.14
C LEU A 143 26.71 -9.01 15.08
N GLN A 144 25.58 -8.59 14.52
CA GLN A 144 24.38 -8.33 15.30
C GLN A 144 23.40 -9.38 15.00
N GLU A 145 22.59 -9.76 15.98
CA GLU A 145 21.56 -10.74 15.72
C GLU A 145 20.25 -10.30 16.31
N LEU A 146 19.19 -10.79 15.69
CA LEU A 146 17.82 -10.42 16.05
C LEU A 146 16.87 -11.61 15.96
N ASN A 147 16.16 -11.87 17.04
CA ASN A 147 15.19 -12.95 17.06
C ASN A 147 13.96 -12.43 16.34
N VAL A 148 13.56 -13.05 15.25
CA VAL A 148 12.38 -12.54 14.57
C VAL A 148 11.35 -13.65 14.48
N THR A 149 10.15 -13.31 14.01
CA THR A 149 9.07 -14.27 13.84
C THR A 149 8.56 -14.18 12.43
N VAL A 150 8.48 -15.31 11.74
CA VAL A 150 7.89 -15.38 10.41
C VAL A 150 6.43 -14.99 10.45
N VAL A 151 6.03 -14.15 9.51
CA VAL A 151 4.68 -13.65 9.42
C VAL A 151 4.24 -13.78 7.97
N THR A 152 2.94 -13.74 7.78
CA THR A 152 2.34 -13.89 6.48
C THR A 152 1.47 -12.66 6.10
N PHE A 153 1.37 -11.73 7.05
CA PHE A 153 0.66 -10.46 6.88
C PHE A 153 1.47 -9.50 5.99
N PHE A 154 0.78 -8.92 5.01
CA PHE A 154 1.33 -7.99 4.04
C PHE A 154 2.49 -8.66 3.34
N CYS A 155 2.36 -9.96 3.18
CA CYS A 155 3.43 -10.70 2.56
C CYS A 155 3.02 -11.37 1.27
N ARG A 156 3.97 -12.06 0.68
CA ARG A 156 3.74 -12.77 -0.51
C ARG A 156 4.40 -14.15 -0.31
N PRO A 157 3.77 -15.19 -0.84
CA PRO A 157 4.20 -16.58 -0.72
C PRO A 157 5.63 -16.83 -1.21
N HIS A 158 6.06 -16.12 -2.23
CA HIS A 158 7.39 -16.27 -2.80
C HIS A 158 8.44 -15.93 -1.76
N ASN A 159 8.06 -15.10 -0.80
CA ASN A 159 8.95 -14.64 0.20
C ASN A 159 8.57 -15.14 1.53
N ILE A 160 9.49 -14.98 2.49
CA ILE A 160 9.27 -15.31 3.88
C ILE A 160 9.40 -13.91 4.40
N CYS A 161 8.47 -13.52 5.27
CA CYS A 161 8.47 -12.22 5.80
C CYS A 161 8.61 -12.42 7.25
N THR A 162 9.20 -11.44 7.93
CA THR A 162 9.37 -11.54 9.35
C THR A 162 9.00 -10.21 9.92
N PHE A 163 8.93 -10.14 11.23
CA PHE A 163 8.52 -8.92 11.81
C PHE A 163 8.70 -9.09 13.22
N VAL A 164 9.03 -8.01 13.91
CA VAL A 164 9.21 -8.02 15.36
C VAL A 164 8.11 -7.16 15.99
N PRO A 165 7.10 -7.83 16.56
CA PRO A 165 5.91 -7.21 17.09
C PRO A 165 6.00 -6.07 18.02
N ARG A 166 6.87 -6.16 19.00
CA ARG A 166 6.84 -5.08 19.95
C ARG A 166 7.53 -3.77 19.61
N ARG A 167 8.80 -3.89 19.28
CA ARG A 167 9.67 -2.75 19.06
C ARG A 167 10.15 -2.43 17.64
N LYS A 168 10.88 -1.29 17.59
CA LYS A 168 11.50 -0.80 16.37
C LYS A 168 12.66 -1.77 16.15
N ALA A 169 12.50 -2.71 15.22
CA ALA A 169 13.51 -3.70 15.00
C ALA A 169 13.38 -4.32 13.67
N GLY A 170 14.49 -4.71 13.08
CA GLY A 170 14.42 -5.37 11.81
C GLY A 170 15.76 -5.31 11.10
N ILE A 171 15.84 -5.93 9.92
CA ILE A 171 17.04 -5.94 9.07
C ILE A 171 17.20 -4.54 8.37
N CYS A 172 18.38 -4.21 7.90
CA CYS A 172 18.59 -2.89 7.35
C CYS A 172 19.68 -3.04 6.34
N PHE A 173 20.14 -1.91 5.82
CA PHE A 173 21.18 -1.88 4.80
C PHE A 173 22.51 -2.48 5.27
N GLY A 174 22.96 -3.50 4.54
CA GLY A 174 24.14 -4.23 4.95
C GLY A 174 23.70 -5.63 5.39
N ASP A 175 22.46 -5.79 5.84
CA ASP A 175 22.01 -7.14 6.20
C ASP A 175 21.59 -7.93 4.99
N SER A 176 21.47 -7.27 3.83
CA SER A 176 21.13 -7.89 2.56
C SER A 176 22.07 -9.10 2.27
N GLY A 177 21.49 -10.23 1.90
CA GLY A 177 22.28 -11.42 1.64
C GLY A 177 22.51 -12.44 2.76
N GLY A 178 22.45 -11.99 4.00
CA GLY A 178 22.66 -12.82 5.19
C GLY A 178 21.57 -13.88 5.37
N PRO A 179 21.71 -14.79 6.32
CA PRO A 179 20.71 -15.83 6.45
C PRO A 179 19.58 -15.55 7.44
N LEU A 180 18.53 -16.33 7.27
CA LEU A 180 17.44 -16.30 8.22
C LEU A 180 17.59 -17.72 8.78
N ILE A 181 17.99 -17.83 10.05
CA ILE A 181 18.21 -19.13 10.62
C ILE A 181 17.00 -19.53 11.45
N CYS A 182 16.33 -20.62 11.07
CA CYS A 182 15.18 -21.13 11.84
C CYS A 182 15.46 -22.58 12.20
N ASP A 183 15.67 -22.83 13.47
CA ASP A 183 15.99 -24.16 13.98
C ASP A 183 17.34 -24.61 13.46
N GLY A 184 18.33 -23.70 13.49
CA GLY A 184 19.68 -23.97 13.01
C GLY A 184 19.80 -24.35 11.52
N ILE A 185 18.78 -24.07 10.73
CA ILE A 185 18.77 -24.34 9.30
C ILE A 185 18.59 -22.97 8.63
N ILE A 186 19.13 -22.78 7.44
CA ILE A 186 18.94 -21.47 6.81
C ILE A 186 17.66 -21.62 6.01
N GLN A 187 16.63 -20.84 6.35
CA GLN A 187 15.35 -20.88 5.60
C GLN A 187 15.16 -19.68 4.66
N GLY A 188 15.90 -18.59 4.92
CA GLY A 188 15.79 -17.36 4.12
C GLY A 188 17.07 -16.51 3.98
N ILE A 189 16.97 -15.51 3.11
CA ILE A 189 18.05 -14.59 2.83
C ILE A 189 17.50 -13.19 2.81
N ASP A 190 18.11 -12.25 3.55
CA ASP A 190 17.72 -10.84 3.57
C ASP A 190 17.66 -10.30 2.18
N SER A 191 16.44 -10.02 1.74
CA SER A 191 16.19 -9.55 0.37
C SER A 191 15.75 -8.10 0.34
N PHE A 192 14.71 -7.77 1.10
CA PHE A 192 14.21 -6.40 1.03
C PHE A 192 13.36 -5.91 2.18
N VAL A 193 13.33 -4.58 2.29
CA VAL A 193 12.55 -3.84 3.26
C VAL A 193 11.61 -2.95 2.46
N ILE A 194 10.58 -2.45 3.11
CA ILE A 194 9.69 -1.55 2.45
C ILE A 194 9.81 -0.20 3.11
N TRP A 195 10.06 0.81 2.27
CA TRP A 195 10.26 2.19 2.68
C TRP A 195 11.61 2.46 3.34
N GLY A 196 11.82 1.78 4.45
CA GLY A 196 12.99 1.95 5.26
C GLY A 196 13.11 0.76 6.20
N CYS A 197 14.03 0.88 7.14
CA CYS A 197 14.34 -0.13 8.11
C CYS A 197 13.54 0.04 9.34
N ALA A 198 12.93 -1.05 9.82
CA ALA A 198 12.17 -1.02 11.04
C ALA A 198 11.03 0.01 10.97
N THR A 199 10.28 -0.02 9.87
CA THR A 199 9.12 0.84 9.62
C THR A 199 8.13 0.65 10.73
N ARG A 200 8.08 -0.57 11.28
CA ARG A 200 7.16 -1.01 12.34
C ARG A 200 5.75 -1.18 11.79
N LEU A 201 5.64 -1.19 10.48
CA LEU A 201 4.36 -1.39 9.87
C LEU A 201 4.52 -2.44 8.83
N PHE A 202 5.66 -2.41 8.14
CA PHE A 202 5.92 -3.48 7.15
C PHE A 202 6.86 -4.58 7.73
N PRO A 203 6.71 -5.82 7.22
CA PRO A 203 7.59 -6.93 7.57
C PRO A 203 8.83 -6.84 6.71
N ASP A 204 9.88 -7.61 7.08
CA ASP A 204 11.13 -7.64 6.31
C ASP A 204 10.99 -8.80 5.37
N PHE A 205 11.41 -8.63 4.13
CA PHE A 205 11.28 -9.72 3.17
C PHE A 205 12.58 -10.49 3.05
N PHE A 206 12.46 -11.79 2.83
CA PHE A 206 13.57 -12.70 2.68
C PHE A 206 13.25 -13.62 1.53
N THR A 207 14.29 -14.05 0.83
CA THR A 207 14.13 -15.01 -0.23
C THR A 207 13.80 -16.32 0.55
N ARG A 208 12.93 -17.13 0.00
CA ARG A 208 12.55 -18.36 0.63
C ARG A 208 13.45 -19.41 0.04
N VAL A 209 14.48 -19.74 0.78
CA VAL A 209 15.48 -20.70 0.33
C VAL A 209 14.98 -22.10 -0.07
N ALA A 210 13.93 -22.60 0.60
CA ALA A 210 13.42 -23.96 0.35
C ALA A 210 12.94 -24.13 -1.06
N LEU A 211 12.68 -23.02 -1.72
CA LEU A 211 12.26 -23.10 -3.12
C LEU A 211 13.41 -23.55 -4.05
N TYR A 212 14.63 -23.17 -3.71
CA TYR A 212 15.72 -23.43 -4.60
C TYR A 212 16.65 -24.49 -4.19
N VAL A 213 16.26 -25.28 -3.18
CA VAL A 213 17.09 -26.38 -2.64
C VAL A 213 17.66 -27.36 -3.68
N ASP A 214 16.84 -27.79 -4.61
CA ASP A 214 17.25 -28.70 -5.65
C ASP A 214 18.27 -28.07 -6.59
N TRP A 215 18.06 -26.78 -6.85
CA TRP A 215 18.92 -26.06 -7.77
C TRP A 215 20.24 -25.83 -7.11
N ILE A 216 20.16 -25.55 -5.83
CA ILE A 216 21.30 -25.26 -5.07
C ILE A 216 22.19 -26.49 -5.00
N ARG A 217 21.59 -27.61 -4.62
CA ARG A 217 22.32 -28.85 -4.45
C ARG A 217 22.87 -29.37 -5.72
N SER A 218 22.08 -29.23 -6.77
CA SER A 218 22.46 -29.63 -8.10
C SER A 218 23.67 -28.85 -8.56
N THR A 219 23.70 -27.59 -8.18
CA THR A 219 24.80 -26.74 -8.53
C THR A 219 26.01 -27.14 -7.70
N LEU A 220 25.84 -27.36 -6.40
CA LEU A 220 26.94 -27.78 -5.51
C LEU A 220 27.61 -29.07 -5.96
N ARG A 221 26.89 -29.93 -6.68
CA ARG A 221 27.47 -31.17 -7.20
C ARG A 221 28.16 -30.89 -8.56
N ILE B 1 18.11 6.56 -15.30
CA ILE B 1 16.95 7.04 -15.97
C ILE B 1 16.35 5.97 -16.86
N VAL B 2 15.17 5.47 -16.48
CA VAL B 2 14.46 4.47 -17.31
C VAL B 2 13.55 5.24 -18.32
N GLY B 3 13.40 4.71 -19.52
CA GLY B 3 12.56 5.26 -20.57
C GLY B 3 12.97 6.63 -21.04
N GLY B 4 14.18 7.00 -20.70
CA GLY B 4 14.67 8.27 -21.12
C GLY B 4 15.34 8.08 -22.46
N HIS B 5 16.13 9.08 -22.82
CA HIS B 5 16.89 9.03 -24.06
C HIS B 5 18.25 9.70 -23.83
N GLU B 6 19.19 9.50 -24.75
CA GLU B 6 20.48 10.04 -24.53
C GLU B 6 20.45 11.47 -24.81
N ALA B 7 21.13 12.22 -23.95
CA ALA B 7 21.26 13.66 -24.08
C ALA B 7 22.28 13.98 -25.16
N GLN B 8 22.23 15.19 -25.66
CA GLN B 8 23.20 15.55 -26.64
C GLN B 8 24.37 15.81 -25.73
N PRO B 9 25.53 15.34 -26.18
CA PRO B 9 26.78 15.49 -25.47
C PRO B 9 27.10 16.89 -24.97
N HIS B 10 27.39 16.99 -23.68
CA HIS B 10 27.74 18.24 -23.04
C HIS B 10 26.68 19.30 -23.05
N SER B 11 25.47 18.89 -23.45
CA SER B 11 24.27 19.74 -23.50
C SER B 11 23.67 19.98 -22.14
N ARG B 12 24.35 19.48 -21.12
CA ARG B 12 23.92 19.61 -19.75
C ARG B 12 25.20 19.74 -18.89
N PRO B 13 26.03 20.74 -19.22
CA PRO B 13 27.33 20.95 -18.59
C PRO B 13 27.40 21.11 -17.10
N TYR B 14 26.28 21.03 -16.42
CA TYR B 14 26.31 21.17 -14.97
C TYR B 14 26.18 19.73 -14.33
N MET B 15 26.09 18.71 -15.19
CA MET B 15 25.95 17.33 -14.74
C MET B 15 27.26 16.83 -14.13
N ALA B 16 27.21 16.47 -12.85
CA ALA B 16 28.37 15.89 -12.18
C ALA B 16 28.20 14.35 -11.99
N SER B 17 29.28 13.56 -12.15
CA SER B 17 29.26 12.10 -11.92
C SER B 17 30.09 11.82 -10.73
N LEU B 18 29.50 11.21 -9.74
CA LEU B 18 30.18 10.90 -8.47
C LEU B 18 30.73 9.43 -8.49
N GLN B 19 32.02 9.30 -8.25
CA GLN B 19 32.68 8.03 -8.33
C GLN B 19 33.63 7.66 -7.18
N MET B 20 34.15 6.46 -7.28
CA MET B 20 35.09 5.98 -6.31
C MET B 20 36.43 6.39 -6.94
N ARG B 21 37.22 7.10 -6.16
CA ARG B 21 38.54 7.53 -6.57
C ARG B 21 39.40 6.29 -6.91
N GLY B 22 40.20 6.42 -7.93
CA GLY B 22 41.06 5.35 -8.38
C GLY B 22 40.39 4.34 -9.25
N ASN B 23 39.07 4.22 -9.08
CA ASN B 23 38.30 3.27 -9.86
C ASN B 23 37.41 4.05 -10.85
N PRO B 24 37.99 4.29 -12.00
CA PRO B 24 37.34 5.06 -13.02
C PRO B 24 36.06 4.42 -13.58
N GLY B 25 35.08 5.27 -13.90
CA GLY B 25 33.82 4.82 -14.48
C GLY B 25 32.86 4.36 -13.39
N SER B 26 33.38 4.26 -12.16
CA SER B 26 32.60 3.85 -10.99
C SER B 26 31.49 4.85 -10.55
N HIS B 27 30.74 5.36 -11.52
CA HIS B 27 29.66 6.32 -11.24
C HIS B 27 28.66 5.70 -10.26
N PHE B 28 28.35 6.43 -9.20
CA PHE B 28 27.43 5.88 -8.28
C PHE B 28 26.35 6.86 -7.86
N CYS B 29 26.56 8.13 -8.17
CA CYS B 29 25.59 9.17 -7.87
C CYS B 29 25.77 10.35 -8.77
N GLY B 30 24.75 11.17 -8.92
CA GLY B 30 24.85 12.35 -9.73
C GLY B 30 25.11 13.58 -8.92
N GLY B 31 25.41 14.64 -9.63
CA GLY B 31 25.67 15.85 -8.89
C GLY B 31 25.34 16.98 -9.84
N THR B 32 25.39 18.19 -9.32
CA THR B 32 25.10 19.34 -10.12
C THR B 32 26.05 20.48 -9.73
N LEU B 33 26.79 20.93 -10.72
CA LEU B 33 27.72 22.01 -10.54
C LEU B 33 26.89 23.29 -10.41
N ILE B 34 26.93 23.97 -9.27
CA ILE B 34 26.08 25.14 -9.14
C ILE B 34 27.00 26.29 -8.88
N HIS B 35 28.27 25.98 -8.89
CA HIS B 35 29.28 26.95 -8.56
C HIS B 35 30.59 26.27 -8.89
N PRO B 36 31.63 27.06 -9.14
CA PRO B 36 32.93 26.52 -9.54
C PRO B 36 33.49 25.45 -8.63
N SER B 37 33.37 25.70 -7.33
CA SER B 37 33.86 24.78 -6.31
C SER B 37 32.77 24.05 -5.58
N PHE B 38 31.54 24.02 -6.10
CA PHE B 38 30.45 23.33 -5.37
C PHE B 38 29.56 22.47 -6.18
N VAL B 39 29.38 21.23 -5.72
CA VAL B 39 28.55 20.30 -6.40
C VAL B 39 27.45 20.09 -5.43
N LEU B 40 26.20 20.13 -5.92
CA LEU B 40 25.05 19.99 -5.07
C LEU B 40 24.59 18.57 -5.29
N THR B 41 24.35 17.82 -4.22
CA THR B 41 23.94 16.42 -4.41
C THR B 41 23.03 15.94 -3.27
N ALA B 42 22.66 14.66 -3.26
CA ALA B 42 21.85 14.05 -2.19
C ALA B 42 22.77 13.51 -1.07
N ALA B 43 22.40 13.77 0.18
CA ALA B 43 23.13 13.31 1.34
C ALA B 43 23.34 11.85 1.45
N HIS B 44 22.47 11.10 0.79
CA HIS B 44 22.51 9.67 0.91
C HIS B 44 23.54 9.06 0.04
N CYS B 45 24.02 9.84 -0.92
CA CYS B 45 25.04 9.41 -1.85
C CYS B 45 26.38 9.17 -1.15
N LEU B 46 26.63 9.92 -0.11
CA LEU B 46 27.87 9.82 0.62
C LEU B 46 27.70 9.26 2.05
N ARG B 47 26.65 8.50 2.25
CA ARG B 47 26.32 7.94 3.53
C ARG B 47 27.40 6.97 3.93
N ASP B 48 27.48 5.91 3.16
CA ASP B 48 28.42 4.85 3.41
C ASP B 48 29.81 5.36 3.08
N ILE B 49 30.09 5.46 1.77
CA ILE B 49 31.35 5.93 1.20
C ILE B 49 32.05 7.14 1.85
N PRO B 50 33.32 6.93 2.18
CA PRO B 50 34.11 7.97 2.84
C PRO B 50 34.45 9.01 1.78
N GLN B 51 34.61 10.26 2.21
CA GLN B 51 34.87 11.41 1.33
C GLN B 51 36.15 11.24 0.54
N ARG B 52 37.13 10.64 1.19
CA ARG B 52 38.45 10.39 0.63
C ARG B 52 38.43 9.60 -0.66
N LEU B 53 37.57 8.58 -0.71
CA LEU B 53 37.42 7.70 -1.88
C LEU B 53 36.47 8.19 -3.00
N VAL B 54 35.85 9.35 -2.82
CA VAL B 54 34.93 9.89 -3.83
C VAL B 54 35.69 10.68 -4.88
N ASN B 55 35.29 10.54 -6.13
CA ASN B 55 35.92 11.31 -7.19
C ASN B 55 34.81 12.03 -7.98
N VAL B 56 34.77 13.36 -7.92
CA VAL B 56 33.76 14.13 -8.68
C VAL B 56 34.18 14.34 -10.13
N VAL B 57 33.51 13.68 -11.06
CA VAL B 57 33.80 13.82 -12.45
C VAL B 57 32.88 14.82 -13.16
N LEU B 58 33.47 15.91 -13.67
CA LEU B 58 32.77 16.90 -14.45
C LEU B 58 33.10 16.77 -15.93
N GLY B 59 32.29 17.37 -16.80
CA GLY B 59 32.48 17.32 -18.25
C GLY B 59 32.28 15.99 -18.92
N ALA B 60 31.67 15.03 -18.23
CA ALA B 60 31.47 13.74 -18.87
C ALA B 60 30.25 13.69 -19.71
N HIS B 61 30.20 12.63 -20.49
CA HIS B 61 29.04 12.29 -21.29
C HIS B 61 28.95 10.77 -21.18
N ASN B 62 30.00 10.08 -21.60
CA ASN B 62 30.09 8.65 -21.39
C ASN B 62 31.03 8.57 -20.19
N VAL B 63 30.50 8.41 -18.99
CA VAL B 63 31.32 8.31 -17.81
C VAL B 63 32.22 7.11 -17.76
N ARG B 64 31.90 6.09 -18.55
CA ARG B 64 32.71 4.85 -18.56
C ARG B 64 33.90 4.88 -19.48
N THR B 65 34.33 6.08 -19.84
CA THR B 65 35.46 6.27 -20.73
C THR B 65 36.23 7.53 -20.38
N GLN B 66 37.48 7.57 -20.80
CA GLN B 66 38.30 8.74 -20.55
C GLN B 66 37.85 9.69 -21.66
N GLU B 67 37.61 10.94 -21.29
CA GLU B 67 37.16 11.95 -22.23
C GLU B 67 37.96 13.15 -21.88
N PRO B 68 38.48 13.75 -22.92
CA PRO B 68 39.23 15.00 -22.84
C PRO B 68 38.49 16.09 -22.16
N THR B 69 37.17 16.02 -22.24
CA THR B 69 36.23 16.98 -21.63
C THR B 69 36.12 16.89 -20.08
N GLN B 70 36.31 15.69 -19.54
CA GLN B 70 36.28 15.46 -18.12
C GLN B 70 37.32 16.10 -17.22
N GLN B 71 36.89 16.50 -16.04
CA GLN B 71 37.73 17.12 -15.04
C GLN B 71 37.40 16.45 -13.73
N HIS B 72 38.41 15.93 -13.04
CA HIS B 72 38.23 15.21 -11.77
C HIS B 72 38.60 16.03 -10.63
N PHE B 73 37.83 15.89 -9.58
CA PHE B 73 38.05 16.67 -8.40
C PHE B 73 37.87 15.70 -7.25
N SER B 74 38.40 16.06 -6.10
CA SER B 74 38.30 15.30 -4.91
C SER B 74 37.47 16.14 -3.95
N VAL B 75 37.00 15.51 -2.90
CA VAL B 75 36.15 16.16 -1.98
C VAL B 75 36.91 16.88 -0.94
N ALA B 76 36.84 18.19 -1.03
CA ALA B 76 37.49 19.01 -0.06
C ALA B 76 36.66 18.98 1.19
N GLN B 77 35.38 19.34 1.06
CA GLN B 77 34.48 19.40 2.20
C GLN B 77 33.05 19.10 1.79
N VAL B 78 32.26 18.62 2.72
CA VAL B 78 30.90 18.35 2.36
C VAL B 78 30.02 19.00 3.39
N PHE B 79 28.88 19.54 2.94
CA PHE B 79 27.90 20.15 3.84
C PHE B 79 26.54 19.48 3.83
N LEU B 80 26.00 19.36 5.04
CA LEU B 80 24.74 18.70 5.31
C LEU B 80 23.75 19.64 5.95
N ASN B 81 22.49 19.53 5.51
CA ASN B 81 21.45 20.34 6.14
C ASN B 81 20.45 19.43 6.84
N ASN B 82 20.83 18.93 8.03
CA ASN B 82 20.03 18.01 8.88
C ASN B 82 19.31 16.85 8.14
N TYR B 83 20.09 15.94 7.56
CA TYR B 83 19.56 14.81 6.81
C TYR B 83 18.89 13.79 7.74
N ASP B 84 17.67 13.42 7.40
CA ASP B 84 16.90 12.48 8.17
C ASP B 84 16.73 11.33 7.23
N ALA B 85 17.55 10.32 7.42
CA ALA B 85 17.50 9.15 6.56
C ALA B 85 16.33 8.23 6.77
N GLU B 86 15.71 8.26 7.94
CA GLU B 86 14.51 7.42 8.12
C GLU B 86 13.26 8.00 7.48
N ASN B 87 13.09 9.33 7.57
CA ASN B 87 11.98 10.05 6.97
C ASN B 87 12.29 10.55 5.62
N LYS B 88 13.54 10.39 5.20
CA LYS B 88 13.98 10.74 3.86
C LYS B 88 13.80 12.22 3.66
N LEU B 89 14.16 12.97 4.68
CA LEU B 89 14.02 14.42 4.66
C LEU B 89 15.35 15.13 4.51
N ASN B 90 15.32 16.30 3.87
CA ASN B 90 16.49 17.14 3.65
C ASN B 90 17.63 16.45 2.92
N ASP B 91 17.28 15.60 1.98
CA ASP B 91 18.25 14.84 1.23
C ASP B 91 19.02 15.74 0.31
N ILE B 92 19.92 16.50 0.91
CA ILE B 92 20.74 17.44 0.18
C ILE B 92 22.17 17.52 0.79
N LEU B 93 23.14 17.64 -0.08
CA LEU B 93 24.49 17.77 0.45
C LEU B 93 25.31 18.63 -0.47
N LEU B 94 26.13 19.44 0.14
CA LEU B 94 26.99 20.33 -0.61
C LEU B 94 28.40 19.76 -0.62
N ILE B 95 28.93 19.54 -1.78
CA ILE B 95 30.32 19.06 -1.84
C ILE B 95 31.20 20.17 -2.31
N GLN B 96 32.16 20.57 -1.50
CA GLN B 96 33.12 21.60 -1.96
C GLN B 96 34.32 20.94 -2.64
N LEU B 97 34.54 21.21 -3.91
CA LEU B 97 35.67 20.61 -4.62
C LEU B 97 36.98 21.13 -4.00
N SER B 98 38.04 20.32 -4.12
CA SER B 98 39.38 20.65 -3.59
C SER B 98 40.05 21.77 -4.42
N SER B 99 39.40 22.12 -5.52
CA SER B 99 39.88 23.14 -6.42
C SER B 99 38.72 23.50 -7.34
N PRO B 100 38.61 24.78 -7.69
CA PRO B 100 37.55 25.27 -8.60
C PRO B 100 37.63 24.74 -10.03
N ALA B 101 36.50 24.28 -10.56
CA ALA B 101 36.42 23.74 -11.90
C ALA B 101 36.73 24.86 -12.86
N ASN B 102 37.06 24.49 -14.07
CA ASN B 102 37.33 25.51 -15.06
C ASN B 102 36.16 25.44 -15.99
N LEU B 103 35.29 26.41 -15.80
CA LEU B 103 34.09 26.50 -16.58
C LEU B 103 34.32 26.55 -18.12
N SER B 104 33.59 25.72 -18.86
CA SER B 104 33.74 25.66 -20.29
C SER B 104 32.43 25.33 -20.98
N ALA B 105 32.56 24.93 -22.24
CA ALA B 105 31.39 24.56 -23.02
C ALA B 105 30.87 23.28 -22.39
N SER B 106 31.82 22.51 -21.85
CA SER B 106 31.56 21.24 -21.23
C SER B 106 31.38 21.28 -19.72
N VAL B 107 31.61 22.43 -19.11
CA VAL B 107 31.50 22.54 -17.68
C VAL B 107 31.01 23.92 -17.31
N ALA B 108 29.76 24.04 -16.85
CA ALA B 108 29.20 25.34 -16.47
C ALA B 108 28.28 25.21 -15.26
N THR B 109 28.04 26.33 -14.61
CA THR B 109 27.15 26.28 -13.49
C THR B 109 25.68 26.29 -13.93
N VAL B 110 24.79 26.13 -12.96
CA VAL B 110 23.34 26.18 -13.20
C VAL B 110 22.78 26.95 -12.07
N GLN B 111 21.84 27.83 -12.37
CA GLN B 111 21.33 28.66 -11.33
C GLN B 111 20.33 27.98 -10.46
N LEU B 112 20.29 28.49 -9.25
CA LEU B 112 19.42 28.07 -8.21
C LEU B 112 18.16 28.89 -8.32
N PRO B 113 17.10 28.41 -7.67
CA PRO B 113 15.84 29.14 -7.65
C PRO B 113 15.96 30.03 -6.45
N GLN B 114 14.89 30.73 -6.17
CA GLN B 114 14.85 31.61 -5.02
C GLN B 114 14.29 30.77 -3.89
N GLN B 115 14.60 31.17 -2.65
CA GLN B 115 14.13 30.44 -1.48
C GLN B 115 12.60 30.38 -1.50
N ASP B 116 12.10 29.23 -1.12
CA ASP B 116 10.66 28.96 -1.11
C ASP B 116 9.94 29.14 -2.43
N GLN B 117 10.68 29.28 -3.54
CA GLN B 117 10.06 29.43 -4.85
C GLN B 117 9.25 28.17 -5.17
N PRO B 118 7.98 28.36 -5.50
CA PRO B 118 7.19 27.20 -5.80
C PRO B 118 7.51 26.68 -7.19
N VAL B 119 7.17 25.40 -7.34
CA VAL B 119 7.23 24.63 -8.58
C VAL B 119 5.84 23.92 -8.60
N PRO B 120 4.87 24.56 -9.26
CA PRO B 120 3.50 24.05 -9.31
C PRO B 120 3.30 22.75 -10.08
N HIS B 121 2.18 22.08 -9.80
CA HIS B 121 1.82 20.83 -10.41
C HIS B 121 1.66 21.13 -11.88
N GLY B 122 2.00 20.15 -12.73
CA GLY B 122 1.91 20.29 -14.17
C GLY B 122 3.21 20.82 -14.78
N THR B 123 4.06 21.40 -13.94
CA THR B 123 5.35 21.94 -14.36
C THR B 123 6.25 20.90 -15.00
N GLN B 124 6.66 21.17 -16.24
CA GLN B 124 7.53 20.30 -17.03
C GLN B 124 9.01 20.48 -16.82
N CYS B 125 9.66 19.44 -16.36
CA CYS B 125 11.06 19.52 -16.10
C CYS B 125 11.83 18.45 -16.81
N LEU B 126 13.14 18.47 -16.61
CA LEU B 126 13.98 17.44 -17.21
C LEU B 126 14.68 16.74 -16.04
N ALA B 127 14.72 15.43 -16.12
CA ALA B 127 15.46 14.69 -15.13
C ALA B 127 16.52 14.04 -16.06
N MET B 128 17.69 13.75 -15.50
CA MET B 128 18.76 13.17 -16.29
C MET B 128 19.75 12.49 -15.34
N GLY B 129 20.60 11.64 -15.90
CA GLY B 129 21.61 11.03 -15.06
C GLY B 129 22.13 9.81 -15.77
N TRP B 130 23.11 9.15 -15.15
CA TRP B 130 23.66 7.94 -15.72
C TRP B 130 23.21 6.69 -14.96
N GLY B 131 22.05 6.75 -14.30
CA GLY B 131 21.56 5.60 -13.51
C GLY B 131 21.15 4.42 -14.32
N ARG B 132 20.67 3.36 -13.68
CA ARG B 132 20.23 2.18 -14.42
C ARG B 132 19.09 2.52 -15.39
N VAL B 133 19.15 1.93 -16.57
CA VAL B 133 18.19 2.18 -17.60
C VAL B 133 16.99 1.28 -17.42
N GLY B 134 16.90 0.64 -16.26
CA GLY B 134 15.73 -0.18 -15.96
C GLY B 134 15.96 -1.41 -15.11
N ALA B 135 17.16 -1.56 -14.58
CA ALA B 135 17.49 -2.74 -13.79
C ALA B 135 17.43 -4.00 -14.69
N HIS B 136 17.73 -3.81 -15.97
CA HIS B 136 17.74 -4.93 -16.89
C HIS B 136 18.97 -4.87 -17.78
N ASP B 137 19.35 -3.64 -18.16
CA ASP B 137 20.56 -3.36 -18.92
C ASP B 137 21.48 -2.74 -17.88
N PRO B 138 22.77 -3.03 -18.02
CA PRO B 138 23.72 -2.46 -17.11
C PRO B 138 23.79 -0.97 -17.38
N PRO B 139 23.76 -0.21 -16.29
CA PRO B 139 23.82 1.26 -16.21
C PRO B 139 24.32 2.05 -17.39
N ALA B 140 23.70 3.22 -17.58
CA ALA B 140 23.94 4.20 -18.64
C ALA B 140 25.40 4.59 -18.75
N GLN B 141 25.90 4.57 -19.99
CA GLN B 141 27.28 4.97 -20.25
C GLN B 141 27.18 6.44 -20.51
N VAL B 142 26.34 6.77 -21.48
CA VAL B 142 26.09 8.13 -21.85
C VAL B 142 24.93 8.71 -21.06
N LEU B 143 24.93 10.03 -20.91
CA LEU B 143 23.92 10.76 -20.17
C LEU B 143 22.59 10.48 -20.79
N GLN B 144 21.59 10.30 -19.93
CA GLN B 144 20.25 10.05 -20.39
C GLN B 144 19.39 11.14 -19.82
N GLU B 145 18.43 11.58 -20.61
CA GLU B 145 17.54 12.60 -20.13
C GLU B 145 16.06 12.20 -20.32
N LEU B 146 15.20 12.77 -19.51
CA LEU B 146 13.82 12.34 -19.56
C LEU B 146 12.95 13.50 -19.21
N ASN B 147 11.88 13.61 -20.01
CA ASN B 147 10.87 14.63 -19.81
C ASN B 147 9.88 14.15 -18.72
N VAL B 148 9.75 14.93 -17.68
CA VAL B 148 8.88 14.59 -16.60
C VAL B 148 8.02 15.80 -16.23
N THR B 149 7.01 15.59 -15.41
CA THR B 149 6.18 16.71 -14.99
C THR B 149 5.93 16.59 -13.51
N VAL B 150 5.93 17.74 -12.84
CA VAL B 150 5.71 17.78 -11.44
C VAL B 150 4.24 17.40 -11.16
N VAL B 151 4.02 16.64 -10.10
CA VAL B 151 2.70 16.22 -9.66
C VAL B 151 2.60 16.34 -8.15
N THR B 152 1.37 16.39 -7.62
CA THR B 152 1.13 16.55 -6.18
C THR B 152 0.71 15.20 -5.60
N PHE B 153 0.41 14.26 -6.50
CA PHE B 153 0.03 12.94 -6.05
C PHE B 153 1.02 12.02 -5.39
N PHE B 154 0.53 11.44 -4.30
CA PHE B 154 1.27 10.51 -3.50
C PHE B 154 2.53 11.14 -3.04
N CYS B 155 2.46 12.44 -2.82
CA CYS B 155 3.61 13.24 -2.49
C CYS B 155 3.61 13.87 -1.15
N ARG B 156 4.63 14.66 -0.98
CA ARG B 156 4.89 15.33 0.24
C ARG B 156 5.34 16.72 -0.27
N PRO B 157 4.95 17.77 0.44
CA PRO B 157 5.31 19.14 0.13
C PRO B 157 6.80 19.36 0.34
N HIS B 158 7.38 18.48 1.14
CA HIS B 158 8.78 18.56 1.47
C HIS B 158 9.55 18.10 0.25
N ASN B 159 8.91 17.33 -0.60
CA ASN B 159 9.56 16.87 -1.76
C ASN B 159 8.90 17.40 -2.97
N ILE B 160 9.46 17.08 -4.12
CA ILE B 160 8.85 17.50 -5.34
C ILE B 160 8.67 16.21 -6.02
N CYS B 161 7.49 15.94 -6.54
CA CYS B 161 7.28 14.68 -7.22
C CYS B 161 7.09 14.85 -8.68
N THR B 162 7.45 13.80 -9.41
CA THR B 162 7.34 13.77 -10.82
C THR B 162 6.80 12.44 -11.27
N PHE B 163 6.22 12.40 -12.44
CA PHE B 163 5.66 11.17 -12.90
C PHE B 163 5.61 11.34 -14.38
N VAL B 164 5.75 10.25 -15.10
CA VAL B 164 5.77 10.28 -16.52
C VAL B 164 4.50 9.51 -16.77
N PRO B 165 3.40 10.24 -16.92
CA PRO B 165 2.08 9.64 -17.11
C PRO B 165 1.93 8.59 -18.19
N ARG B 166 2.54 8.83 -19.35
CA ARG B 166 2.34 7.88 -20.44
C ARG B 166 3.43 6.95 -20.95
N ARG B 167 4.15 6.32 -20.05
CA ARG B 167 5.23 5.44 -20.50
C ARG B 167 5.82 4.90 -19.23
N LYS B 168 6.56 3.80 -19.35
CA LYS B 168 7.28 3.21 -18.20
C LYS B 168 8.59 3.97 -18.20
N ALA B 169 8.66 5.02 -17.39
CA ALA B 169 9.81 5.87 -17.34
C ALA B 169 9.96 6.38 -15.96
N GLY B 170 11.17 6.75 -15.60
CA GLY B 170 11.39 7.32 -14.29
C GLY B 170 12.89 7.25 -13.96
N ILE B 171 13.25 7.82 -12.82
CA ILE B 171 14.62 7.83 -12.35
C ILE B 171 14.94 6.44 -11.73
N CYS B 172 16.18 5.99 -11.87
CA CYS B 172 16.58 4.70 -11.37
C CYS B 172 17.85 4.80 -10.52
N PHE B 173 18.40 3.66 -10.13
CA PHE B 173 19.60 3.63 -9.30
C PHE B 173 20.80 4.13 -10.04
N GLY B 174 21.42 5.13 -9.43
CA GLY B 174 22.54 5.82 -10.05
C GLY B 174 22.17 7.28 -10.39
N ASP B 175 20.87 7.56 -10.47
CA ASP B 175 20.38 8.90 -10.75
C ASP B 175 20.27 9.76 -9.53
N SER B 176 20.33 9.14 -8.35
CA SER B 176 20.30 9.80 -7.03
C SER B 176 21.33 10.94 -7.01
N GLY B 177 21.02 12.09 -6.43
CA GLY B 177 21.94 13.24 -6.41
C GLY B 177 21.93 14.14 -7.65
N GLY B 178 21.42 13.62 -8.77
CA GLY B 178 21.29 14.34 -10.03
C GLY B 178 20.24 15.49 -9.93
N PRO B 179 20.10 16.28 -11.00
CA PRO B 179 19.26 17.45 -10.97
C PRO B 179 17.91 17.20 -11.60
N LEU B 180 16.92 17.98 -11.16
CA LEU B 180 15.60 18.06 -11.79
C LEU B 180 15.55 19.55 -12.18
N ILE B 181 15.71 19.81 -13.47
CA ILE B 181 15.71 21.21 -13.92
C ILE B 181 14.41 21.57 -14.61
N CYS B 182 13.88 22.68 -14.19
CA CYS B 182 12.65 23.20 -14.73
C CYS B 182 12.94 24.65 -15.13
N ASP B 183 12.78 24.95 -16.42
CA ASP B 183 13.06 26.29 -16.95
C ASP B 183 14.51 26.72 -16.72
N GLY B 184 15.42 25.77 -16.94
CA GLY B 184 16.87 25.95 -16.77
C GLY B 184 17.35 26.34 -15.38
N ILE B 185 16.54 26.04 -14.36
CA ILE B 185 16.87 26.27 -12.96
C ILE B 185 16.85 24.86 -12.39
N ILE B 186 17.63 24.62 -11.35
CA ILE B 186 17.61 23.29 -10.75
C ILE B 186 16.50 23.33 -9.64
N GLN B 187 15.43 22.53 -9.74
CA GLN B 187 14.42 22.62 -8.66
C GLN B 187 14.46 21.48 -7.65
N GLY B 188 15.00 20.34 -8.10
CA GLY B 188 15.18 19.18 -7.24
C GLY B 188 16.49 18.38 -7.43
N ILE B 189 16.66 17.40 -6.55
CA ILE B 189 17.79 16.50 -6.54
C ILE B 189 17.16 15.14 -6.45
N ASP B 190 17.52 14.20 -7.35
CA ASP B 190 16.96 12.85 -7.28
C ASP B 190 17.16 12.26 -5.93
N SER B 191 16.07 12.04 -5.20
CA SER B 191 16.17 11.52 -3.84
C SER B 191 15.76 10.04 -3.64
N PHE B 192 14.62 9.63 -4.16
CA PHE B 192 14.20 8.23 -4.00
C PHE B 192 13.04 7.83 -4.82
N VAL B 193 12.86 6.52 -4.88
CA VAL B 193 11.75 5.93 -5.58
C VAL B 193 10.99 5.09 -4.54
N ILE B 194 9.80 4.67 -4.94
CA ILE B 194 9.01 3.83 -4.10
C ILE B 194 8.99 2.48 -4.81
N TRP B 195 9.42 1.44 -4.10
CA TRP B 195 9.48 0.05 -4.61
C TRP B 195 10.65 -0.25 -5.53
N GLY B 196 10.73 0.54 -6.58
CA GLY B 196 11.77 0.35 -7.56
C GLY B 196 11.60 1.44 -8.58
N CYS B 197 12.22 1.23 -9.72
CA CYS B 197 12.24 2.23 -10.76
C CYS B 197 11.13 2.04 -11.72
N ALA B 198 10.50 3.15 -12.13
CA ALA B 198 9.46 3.14 -13.18
C ALA B 198 8.31 2.19 -12.86
N THR B 199 7.81 2.26 -11.63
CA THR B 199 6.73 1.40 -11.13
C THR B 199 5.46 1.59 -11.97
N ARG B 200 5.30 2.82 -12.49
CA ARG B 200 4.16 3.27 -13.29
C ARG B 200 2.99 3.45 -12.30
N LEU B 201 3.32 3.43 -11.02
CA LEU B 201 2.33 3.52 -9.99
C LEU B 201 2.64 4.56 -8.95
N PHE B 202 3.90 4.92 -8.81
CA PHE B 202 4.26 6.00 -7.85
C PHE B 202 5.09 7.08 -8.56
N PRO B 203 4.94 8.34 -8.14
CA PRO B 203 5.72 9.44 -8.70
C PRO B 203 7.18 9.31 -8.17
N ASP B 204 8.18 9.89 -8.83
CA ASP B 204 9.56 9.81 -8.32
C ASP B 204 9.66 10.99 -7.37
N PHE B 205 10.55 10.89 -6.40
CA PHE B 205 10.69 11.92 -5.39
C PHE B 205 12.04 12.66 -5.46
N PHE B 206 11.99 13.98 -5.25
CA PHE B 206 13.16 14.85 -5.33
C PHE B 206 13.22 15.83 -4.20
N THR B 207 14.44 16.18 -3.77
CA THR B 207 14.62 17.18 -2.72
C THR B 207 14.11 18.47 -3.31
N ARG B 208 13.50 19.32 -2.51
CA ARG B 208 12.87 20.50 -3.02
C ARG B 208 13.94 21.53 -2.76
N VAL B 209 14.74 21.78 -3.80
CA VAL B 209 15.84 22.74 -3.68
C VAL B 209 15.49 24.15 -3.16
N ALA B 210 14.32 24.69 -3.52
CA ALA B 210 13.92 26.03 -3.10
C ALA B 210 13.80 26.17 -1.63
N LEU B 211 13.79 25.05 -0.95
CA LEU B 211 13.75 25.04 0.51
C LEU B 211 15.06 25.35 1.24
N TYR B 212 16.19 25.09 0.57
CA TYR B 212 17.50 25.26 1.21
C TYR B 212 18.37 26.30 0.49
N VAL B 213 17.73 27.20 -0.24
CA VAL B 213 18.43 28.20 -0.99
C VAL B 213 19.31 29.14 -0.24
N ASP B 214 18.79 29.73 0.83
CA ASP B 214 19.60 30.63 1.67
C ASP B 214 20.84 29.96 2.25
N TRP B 215 20.65 28.75 2.76
CA TRP B 215 21.65 27.90 3.38
C TRP B 215 22.72 27.68 2.36
N ILE B 216 22.25 27.36 1.15
CA ILE B 216 23.13 27.08 0.06
C ILE B 216 24.03 28.25 -0.28
N ARG B 217 23.41 29.36 -0.65
CA ARG B 217 24.07 30.60 -1.01
C ARG B 217 25.05 31.03 0.05
N SER B 218 24.64 30.89 1.28
CA SER B 218 25.45 31.30 2.38
C SER B 218 26.68 30.41 2.51
N THR B 219 26.45 29.11 2.28
CA THR B 219 27.52 28.13 2.34
C THR B 219 28.56 28.44 1.27
N LEU B 220 28.09 29.00 0.15
CA LEU B 220 28.96 29.45 -0.94
C LEU B 220 29.72 30.68 -0.47
N ARG B 221 29.46 31.10 0.77
CA ARG B 221 30.05 32.22 1.46
C ARG B 221 29.68 33.49 0.68
N ILE C 1 -20.75 12.80 -3.61
CA ILE C 1 -19.58 13.48 -4.11
C ILE C 1 -19.07 14.36 -3.02
N VAL C 2 -17.76 14.31 -2.76
CA VAL C 2 -17.17 15.16 -1.70
C VAL C 2 -16.44 16.30 -2.38
N GLY C 3 -16.60 17.52 -1.88
CA GLY C 3 -15.99 18.69 -2.53
C GLY C 3 -16.44 19.00 -3.99
N GLY C 4 -17.58 18.45 -4.39
CA GLY C 4 -18.12 18.68 -5.71
C GLY C 4 -19.10 19.87 -5.63
N HIS C 5 -20.02 19.95 -6.60
CA HIS C 5 -21.03 21.01 -6.59
C HIS C 5 -22.36 20.54 -7.15
N GLU C 6 -23.40 21.33 -6.91
CA GLU C 6 -24.74 20.99 -7.37
C GLU C 6 -24.89 21.07 -8.89
N ALA C 7 -25.31 19.98 -9.53
CA ALA C 7 -25.46 20.04 -10.95
C ALA C 7 -26.71 20.88 -11.19
N GLN C 8 -26.79 21.46 -12.37
CA GLN C 8 -27.95 22.24 -12.69
C GLN C 8 -29.00 21.16 -12.87
N PRO C 9 -30.21 21.48 -12.46
CA PRO C 9 -31.33 20.57 -12.53
C PRO C 9 -31.58 19.99 -13.89
N HIS C 10 -31.50 18.68 -14.00
CA HIS C 10 -31.77 18.02 -15.26
C HIS C 10 -30.80 18.24 -16.39
N SER C 11 -29.61 18.70 -16.02
CA SER C 11 -28.49 18.91 -16.92
C SER C 11 -27.77 17.62 -17.29
N ARG C 12 -28.02 16.57 -16.50
CA ARG C 12 -27.44 15.25 -16.72
C ARG C 12 -28.61 14.31 -16.69
N PRO C 13 -29.43 14.34 -17.74
CA PRO C 13 -30.65 13.54 -17.83
C PRO C 13 -30.51 12.02 -17.96
N TYR C 14 -29.28 11.53 -18.01
CA TYR C 14 -29.06 10.09 -18.10
C TYR C 14 -28.81 9.51 -16.68
N MET C 15 -28.78 10.38 -15.68
CA MET C 15 -28.60 9.97 -14.31
C MET C 15 -29.82 9.19 -13.76
N ALA C 16 -29.53 8.08 -13.09
CA ALA C 16 -30.50 7.20 -12.49
C ALA C 16 -30.22 7.11 -10.99
N SER C 17 -31.25 6.77 -10.23
CA SER C 17 -31.15 6.72 -8.78
C SER C 17 -31.73 5.43 -8.41
N LEU C 18 -30.93 4.58 -7.82
CA LEU C 18 -31.42 3.28 -7.48
C LEU C 18 -31.83 3.42 -6.05
N GLN C 19 -33.11 3.10 -5.81
CA GLN C 19 -33.71 3.23 -4.50
C GLN C 19 -34.44 1.97 -4.09
N MET C 20 -34.86 1.97 -2.85
CA MET C 20 -35.53 0.80 -2.39
C MET C 20 -36.99 1.03 -2.71
N ARG C 21 -37.57 0.08 -3.45
CA ARG C 21 -38.99 0.05 -3.86
C ARG C 21 -39.85 0.19 -2.62
N GLY C 22 -40.82 1.10 -2.67
CA GLY C 22 -41.67 1.32 -1.49
C GLY C 22 -41.08 2.28 -0.46
N ASN C 23 -39.81 2.65 -0.66
CA ASN C 23 -39.07 3.59 0.22
C ASN C 23 -38.68 4.79 -0.61
N PRO C 24 -39.49 5.83 -0.49
CA PRO C 24 -39.32 7.02 -1.27
C PRO C 24 -38.05 7.79 -0.90
N GLY C 25 -37.18 8.00 -1.90
CA GLY C 25 -35.90 8.68 -1.75
C GLY C 25 -34.78 7.87 -1.04
N SER C 26 -34.95 6.53 -1.04
CA SER C 26 -34.03 5.58 -0.42
C SER C 26 -32.88 5.26 -1.43
N HIS C 27 -32.21 6.32 -1.89
CA HIS C 27 -31.12 6.20 -2.88
C HIS C 27 -29.90 5.43 -2.34
N PHE C 28 -29.47 4.36 -3.01
CA PHE C 28 -28.31 3.64 -2.54
C PHE C 28 -27.22 3.54 -3.56
N CYS C 29 -27.57 3.76 -4.82
CA CYS C 29 -26.63 3.68 -5.93
C CYS C 29 -27.06 4.52 -7.16
N GLY C 30 -26.10 4.88 -8.01
CA GLY C 30 -26.34 5.64 -9.24
C GLY C 30 -26.48 4.67 -10.38
N GLY C 31 -26.87 5.20 -11.53
CA GLY C 31 -26.99 4.34 -12.68
C GLY C 31 -26.99 5.31 -13.83
N THR C 32 -26.86 4.80 -15.05
CA THR C 32 -26.83 5.62 -16.24
C THR C 32 -27.72 5.04 -17.31
N LEU C 33 -28.68 5.83 -17.78
CA LEU C 33 -29.60 5.34 -18.80
C LEU C 33 -28.86 5.34 -20.09
N ILE C 34 -28.59 4.16 -20.64
CA ILE C 34 -27.87 4.00 -21.89
C ILE C 34 -28.78 3.54 -23.01
N HIS C 35 -30.04 3.34 -22.67
CA HIS C 35 -31.05 2.97 -23.66
C HIS C 35 -32.38 3.18 -22.91
N PRO C 36 -33.51 3.37 -23.61
CA PRO C 36 -34.80 3.59 -22.95
C PRO C 36 -35.19 2.49 -21.98
N SER C 37 -34.74 1.26 -22.27
CA SER C 37 -34.96 0.14 -21.35
C SER C 37 -33.79 -0.31 -20.43
N PHE C 38 -32.57 0.22 -20.62
CA PHE C 38 -31.40 -0.22 -19.83
C PHE C 38 -30.67 0.88 -19.14
N VAL C 39 -30.45 0.64 -17.86
CA VAL C 39 -29.72 1.53 -16.97
C VAL C 39 -28.35 0.84 -16.69
N LEU C 40 -27.27 1.61 -16.74
CA LEU C 40 -25.93 1.08 -16.47
C LEU C 40 -25.50 1.36 -15.02
N THR C 41 -25.10 0.31 -14.31
CA THR C 41 -24.69 0.47 -12.94
C THR C 41 -23.57 -0.51 -12.58
N ALA C 42 -23.17 -0.47 -11.32
CA ALA C 42 -22.13 -1.32 -10.77
C ALA C 42 -22.75 -2.65 -10.22
N ALA C 43 -22.03 -3.76 -10.34
CA ALA C 43 -22.56 -5.01 -9.91
C ALA C 43 -22.67 -5.12 -8.42
N HIS C 44 -21.87 -4.35 -7.73
CA HIS C 44 -21.93 -4.39 -6.29
C HIS C 44 -23.10 -3.63 -5.69
N CYS C 45 -23.91 -3.03 -6.56
CA CYS C 45 -25.05 -2.27 -6.06
C CYS C 45 -26.19 -3.21 -5.74
N LEU C 46 -26.27 -4.26 -6.53
CA LEU C 46 -27.30 -5.29 -6.37
C LEU C 46 -26.80 -6.58 -5.74
N ARG C 47 -25.78 -6.47 -4.90
CA ARG C 47 -25.17 -7.61 -4.18
C ARG C 47 -26.05 -7.86 -2.98
N ASP C 48 -26.05 -6.88 -2.06
CA ASP C 48 -26.83 -6.88 -0.81
C ASP C 48 -28.30 -7.11 -1.12
N ILE C 49 -28.85 -6.20 -1.89
CA ILE C 49 -30.26 -6.27 -2.27
C ILE C 49 -30.69 -7.23 -3.39
N PRO C 50 -31.98 -7.58 -3.35
CA PRO C 50 -32.56 -8.48 -4.32
C PRO C 50 -33.32 -7.56 -5.25
N GLN C 51 -33.33 -7.90 -6.54
CA GLN C 51 -33.92 -7.12 -7.60
C GLN C 51 -35.41 -6.72 -7.57
N ARG C 52 -36.22 -7.51 -6.85
CA ARG C 52 -37.66 -7.24 -6.72
C ARG C 52 -37.97 -6.06 -5.73
N LEU C 53 -36.91 -5.50 -5.12
CA LEU C 53 -36.95 -4.39 -4.16
C LEU C 53 -36.27 -3.12 -4.66
N VAL C 54 -35.77 -3.19 -5.88
CA VAL C 54 -35.05 -2.10 -6.50
C VAL C 54 -35.98 -1.18 -7.30
N ASN C 55 -35.95 0.10 -6.96
CA ASN C 55 -36.73 1.11 -7.66
C ASN C 55 -35.73 2.01 -8.42
N VAL C 56 -35.84 1.99 -9.73
CA VAL C 56 -35.02 2.78 -10.64
C VAL C 56 -35.74 4.09 -11.01
N VAL C 57 -35.34 5.21 -10.40
CA VAL C 57 -35.88 6.55 -10.66
C VAL C 57 -35.14 7.42 -11.72
N LEU C 58 -35.83 7.80 -12.79
CA LEU C 58 -35.25 8.71 -13.79
C LEU C 58 -35.73 10.14 -13.60
N GLY C 59 -35.23 11.05 -14.44
CA GLY C 59 -35.60 12.47 -14.44
C GLY C 59 -35.48 13.18 -13.13
N ALA C 60 -34.72 12.62 -12.19
CA ALA C 60 -34.56 13.29 -10.89
C ALA C 60 -33.43 14.30 -10.70
N HIS C 61 -33.58 15.12 -9.67
CA HIS C 61 -32.61 16.09 -9.33
C HIS C 61 -32.53 16.04 -7.83
N ASN C 62 -33.65 16.31 -7.16
CA ASN C 62 -33.68 16.15 -5.71
C ASN C 62 -34.28 14.74 -5.60
N VAL C 63 -33.54 13.77 -5.07
CA VAL C 63 -34.09 12.42 -5.00
C VAL C 63 -35.06 12.17 -3.86
N ARG C 64 -34.94 13.00 -2.85
CA ARG C 64 -35.78 12.88 -1.70
C ARG C 64 -37.23 13.22 -2.01
N THR C 65 -37.39 14.17 -2.91
CA THR C 65 -38.71 14.64 -3.31
C THR C 65 -39.42 13.81 -4.37
N GLN C 66 -40.71 14.12 -4.51
CA GLN C 66 -41.65 13.51 -5.45
C GLN C 66 -41.70 14.61 -6.53
N GLU C 67 -40.76 14.54 -7.48
CA GLU C 67 -40.61 15.55 -8.54
C GLU C 67 -41.39 15.15 -9.74
N PRO C 68 -41.90 16.15 -10.44
CA PRO C 68 -42.79 15.91 -11.58
C PRO C 68 -42.08 15.43 -12.81
N THR C 69 -40.75 15.41 -12.75
CA THR C 69 -39.87 14.92 -13.84
C THR C 69 -39.52 13.40 -13.70
N GLN C 70 -39.68 12.88 -12.47
CA GLN C 70 -39.39 11.49 -12.17
C GLN C 70 -40.29 10.41 -12.70
N GLN C 71 -39.64 9.44 -13.31
CA GLN C 71 -40.22 8.26 -13.87
C GLN C 71 -39.62 7.11 -13.03
N HIS C 72 -40.48 6.23 -12.46
CA HIS C 72 -40.02 5.10 -11.64
C HIS C 72 -40.16 3.80 -12.32
N PHE C 73 -39.14 2.97 -12.18
CA PHE C 73 -39.14 1.71 -12.89
C PHE C 73 -38.82 0.58 -11.95
N SER C 74 -39.09 -0.62 -12.41
CA SER C 74 -38.90 -1.82 -11.63
C SER C 74 -37.86 -2.63 -12.38
N VAL C 75 -37.22 -3.58 -11.69
CA VAL C 75 -36.22 -4.39 -12.36
C VAL C 75 -36.83 -5.64 -12.97
N ALA C 76 -36.74 -5.69 -14.29
CA ALA C 76 -37.23 -6.79 -15.10
C ALA C 76 -36.25 -7.93 -15.24
N GLN C 77 -34.97 -7.62 -15.12
CA GLN C 77 -33.94 -8.61 -15.30
C GLN C 77 -32.65 -7.90 -15.07
N VAL C 78 -31.57 -8.67 -14.93
CA VAL C 78 -30.24 -8.09 -14.74
C VAL C 78 -29.24 -8.86 -15.52
N PHE C 79 -28.15 -8.19 -15.88
CA PHE C 79 -27.04 -8.83 -16.60
C PHE C 79 -25.66 -8.55 -16.01
N LEU C 80 -24.86 -9.60 -15.90
CA LEU C 80 -23.55 -9.43 -15.33
C LEU C 80 -22.52 -9.91 -16.32
N ASN C 81 -21.26 -9.54 -16.08
CA ASN C 81 -20.17 -9.94 -16.98
C ASN C 81 -18.99 -10.43 -16.12
N ASN C 82 -19.18 -11.59 -15.49
CA ASN C 82 -18.14 -12.25 -14.67
C ASN C 82 -17.63 -11.32 -13.58
N TYR C 83 -18.54 -10.91 -12.69
CA TYR C 83 -18.17 -9.97 -11.66
C TYR C 83 -17.23 -10.66 -10.63
N ASP C 84 -16.14 -10.00 -10.23
CA ASP C 84 -15.24 -10.60 -9.23
C ASP C 84 -15.18 -9.70 -7.99
N ALA C 85 -15.95 -10.10 -6.96
CA ALA C 85 -16.06 -9.34 -5.70
C ALA C 85 -14.80 -9.44 -4.87
N GLU C 86 -14.03 -10.48 -5.13
CA GLU C 86 -12.80 -10.69 -4.42
C GLU C 86 -11.82 -9.59 -4.86
N ASN C 87 -11.58 -9.55 -6.16
CA ASN C 87 -10.68 -8.57 -6.73
C ASN C 87 -11.31 -7.27 -7.24
N LYS C 88 -12.64 -7.13 -7.14
CA LYS C 88 -13.36 -5.95 -7.57
C LYS C 88 -13.15 -5.81 -9.04
N LEU C 89 -13.44 -6.88 -9.74
CA LEU C 89 -13.27 -6.96 -11.16
C LEU C 89 -14.62 -7.12 -11.80
N ASN C 90 -14.77 -6.54 -12.98
CA ASN C 90 -16.02 -6.58 -13.74
C ASN C 90 -17.22 -6.02 -12.98
N ASP C 91 -17.02 -4.89 -12.33
CA ASP C 91 -18.06 -4.30 -11.54
C ASP C 91 -18.96 -3.52 -12.45
N ILE C 92 -19.71 -4.26 -13.26
CA ILE C 92 -20.62 -3.72 -14.25
C ILE C 92 -21.92 -4.53 -14.22
N LEU C 93 -23.06 -3.84 -14.25
CA LEU C 93 -24.34 -4.54 -14.29
C LEU C 93 -25.31 -3.78 -15.22
N LEU C 94 -25.98 -4.50 -16.11
CA LEU C 94 -27.00 -3.92 -17.01
C LEU C 94 -28.37 -4.23 -16.40
N ILE C 95 -29.17 -3.21 -16.13
CA ILE C 95 -30.49 -3.41 -15.62
C ILE C 95 -31.57 -3.21 -16.70
N GLN C 96 -32.43 -4.22 -16.96
CA GLN C 96 -33.53 -4.03 -17.92
C GLN C 96 -34.69 -3.45 -17.13
N LEU C 97 -35.20 -2.29 -17.53
CA LEU C 97 -36.31 -1.68 -16.80
C LEU C 97 -37.57 -2.46 -17.19
N SER C 98 -38.54 -2.49 -16.28
CA SER C 98 -39.84 -3.18 -16.49
C SER C 98 -40.51 -2.52 -17.72
N SER C 99 -40.20 -1.24 -17.94
CA SER C 99 -40.71 -0.52 -19.08
C SER C 99 -39.72 0.55 -19.56
N PRO C 100 -39.82 0.92 -20.84
CA PRO C 100 -38.98 1.94 -21.43
C PRO C 100 -39.28 3.28 -20.83
N ALA C 101 -38.26 4.11 -20.74
CA ALA C 101 -38.48 5.43 -20.24
C ALA C 101 -38.98 6.26 -21.40
N ASN C 102 -39.74 7.26 -21.04
CA ASN C 102 -40.27 8.20 -22.01
C ASN C 102 -39.17 9.21 -22.04
N LEU C 103 -38.42 9.17 -23.14
CA LEU C 103 -37.34 10.10 -23.33
C LEU C 103 -37.96 11.51 -23.47
N SER C 104 -37.86 12.27 -22.38
CA SER C 104 -38.38 13.59 -22.30
C SER C 104 -37.24 14.56 -22.17
N ALA C 105 -37.57 15.75 -21.70
CA ALA C 105 -36.60 16.81 -21.51
C ALA C 105 -35.60 16.48 -20.39
N SER C 106 -36.09 15.87 -19.31
CA SER C 106 -35.29 15.52 -18.11
C SER C 106 -34.88 14.01 -18.03
N VAL C 107 -35.14 13.28 -19.08
CA VAL C 107 -34.81 11.88 -19.13
C VAL C 107 -34.28 11.62 -20.55
N ALA C 108 -32.97 11.35 -20.64
CA ALA C 108 -32.32 11.09 -21.92
C ALA C 108 -31.18 10.08 -21.70
N THR C 109 -30.77 9.44 -22.78
CA THR C 109 -29.69 8.49 -22.71
C THR C 109 -28.32 9.17 -22.86
N VAL C 110 -27.25 8.39 -22.73
CA VAL C 110 -25.87 8.87 -22.88
C VAL C 110 -25.15 7.91 -23.80
N GLN C 111 -24.20 8.42 -24.55
CA GLN C 111 -23.52 7.62 -25.55
C GLN C 111 -22.46 6.74 -24.86
N LEU C 112 -22.20 5.56 -25.45
CA LEU C 112 -21.19 4.59 -24.98
C LEU C 112 -19.82 4.71 -25.68
N PRO C 113 -18.77 4.18 -25.06
CA PRO C 113 -17.48 4.24 -25.65
C PRO C 113 -17.38 3.18 -26.71
N GLN C 114 -16.28 3.22 -27.45
CA GLN C 114 -16.04 2.19 -28.44
C GLN C 114 -15.36 1.18 -27.62
N GLN C 115 -15.41 -0.06 -28.09
CA GLN C 115 -14.81 -1.19 -27.40
C GLN C 115 -13.27 -0.97 -27.36
N ASP C 116 -12.67 -1.17 -26.17
CA ASP C 116 -11.24 -1.04 -25.93
C ASP C 116 -10.68 0.34 -26.08
N GLN C 117 -11.57 1.31 -26.17
CA GLN C 117 -11.20 2.69 -26.33
C GLN C 117 -10.51 3.26 -25.11
N PRO C 118 -9.35 3.91 -25.34
CA PRO C 118 -8.57 4.47 -24.24
C PRO C 118 -9.07 5.81 -23.70
N VAL C 119 -8.76 6.03 -22.41
CA VAL C 119 -9.07 7.25 -21.67
C VAL C 119 -7.74 7.51 -21.00
N PRO C 120 -6.98 8.45 -21.52
CA PRO C 120 -5.66 8.63 -20.99
C PRO C 120 -5.60 9.35 -19.72
N HIS C 121 -4.46 9.15 -19.06
CA HIS C 121 -4.15 9.82 -17.85
C HIS C 121 -4.19 11.29 -18.25
N GLY C 122 -4.85 12.11 -17.47
CA GLY C 122 -4.94 13.52 -17.81
C GLY C 122 -6.27 13.93 -18.44
N THR C 123 -7.05 12.95 -18.90
CA THR C 123 -8.36 13.23 -19.45
C THR C 123 -9.27 13.82 -18.36
N GLN C 124 -9.94 14.91 -18.69
CA GLN C 124 -10.81 15.58 -17.72
C GLN C 124 -12.24 15.06 -17.88
N CYS C 125 -12.85 14.65 -16.77
CA CYS C 125 -14.19 14.11 -16.79
C CYS C 125 -15.06 14.68 -15.74
N LEU C 126 -16.31 14.24 -15.77
CA LEU C 126 -17.26 14.67 -14.78
C LEU C 126 -17.78 13.43 -14.01
N ALA C 127 -17.72 13.49 -12.69
CA ALA C 127 -18.25 12.42 -11.87
C ALA C 127 -19.41 13.11 -11.14
N MET C 128 -20.55 12.44 -11.02
CA MET C 128 -21.72 13.07 -10.40
C MET C 128 -22.43 11.99 -9.63
N GLY C 129 -23.25 12.40 -8.68
CA GLY C 129 -23.97 11.38 -7.94
C GLY C 129 -24.64 12.00 -6.76
N TRP C 130 -25.47 11.21 -6.10
CA TRP C 130 -26.15 11.73 -4.92
C TRP C 130 -25.55 11.15 -3.69
N GLY C 131 -24.37 10.53 -3.77
CA GLY C 131 -23.73 9.92 -2.58
C GLY C 131 -23.39 10.86 -1.48
N ARG C 132 -22.74 10.32 -0.45
CA ARG C 132 -22.37 11.13 0.71
C ARG C 132 -21.47 12.18 0.25
N VAL C 133 -21.68 13.35 0.77
CA VAL C 133 -20.90 14.47 0.30
C VAL C 133 -19.95 14.96 1.36
N GLY C 134 -19.96 14.33 2.53
CA GLY C 134 -19.09 14.68 3.61
C GLY C 134 -19.36 13.69 4.68
N ALA C 135 -18.30 13.02 5.14
CA ALA C 135 -18.34 11.98 6.16
C ALA C 135 -19.37 12.10 7.35
N HIS C 136 -19.80 13.34 7.66
CA HIS C 136 -20.78 13.58 8.73
C HIS C 136 -21.94 14.43 8.22
N ASP C 137 -21.89 14.63 6.93
CA ASP C 137 -22.91 15.33 6.22
C ASP C 137 -23.57 14.12 5.55
N PRO C 138 -24.88 14.22 5.39
CA PRO C 138 -25.59 13.13 4.78
C PRO C 138 -25.26 12.95 3.30
N PRO C 139 -26.03 12.07 2.66
CA PRO C 139 -25.89 11.85 1.26
C PRO C 139 -26.62 13.01 0.63
N ALA C 140 -26.26 13.30 -0.61
CA ALA C 140 -26.87 14.40 -1.33
C ALA C 140 -28.41 14.25 -1.51
N GLN C 141 -29.06 15.40 -1.48
CA GLN C 141 -30.48 15.51 -1.68
C GLN C 141 -30.62 15.59 -3.17
N VAL C 142 -29.97 16.64 -3.70
CA VAL C 142 -29.81 17.05 -5.11
C VAL C 142 -28.45 16.63 -5.74
N LEU C 143 -28.48 16.25 -7.03
CA LEU C 143 -27.36 15.79 -7.86
C LEU C 143 -26.15 16.68 -7.76
N GLN C 144 -25.03 16.07 -7.42
CA GLN C 144 -23.79 16.78 -7.23
C GLN C 144 -22.83 16.41 -8.35
N GLU C 145 -21.99 17.33 -8.76
CA GLU C 145 -21.03 16.99 -9.80
C GLU C 145 -19.63 17.43 -9.41
N LEU C 146 -18.67 16.84 -10.09
CA LEU C 146 -17.29 17.12 -9.78
C LEU C 146 -16.46 16.79 -10.99
N ASN C 147 -15.55 17.72 -11.34
CA ASN C 147 -14.62 17.50 -12.44
C ASN C 147 -13.47 16.71 -11.82
N VAL C 148 -13.05 15.66 -12.49
CA VAL C 148 -11.99 14.86 -11.92
C VAL C 148 -11.07 14.59 -13.07
N THR C 149 -9.81 14.25 -12.78
CA THR C 149 -8.86 13.93 -13.85
C THR C 149 -8.52 12.47 -13.85
N VAL C 150 -8.48 11.86 -15.01
CA VAL C 150 -8.11 10.47 -15.08
C VAL C 150 -6.63 10.33 -14.80
N VAL C 151 -6.28 9.47 -13.84
CA VAL C 151 -4.90 9.15 -13.41
C VAL C 151 -4.51 7.68 -13.54
N THR C 152 -3.22 7.43 -13.75
CA THR C 152 -2.70 6.06 -13.89
C THR C 152 -1.84 5.73 -12.67
N PHE C 153 -1.62 6.73 -11.85
CA PHE C 153 -0.92 6.53 -10.61
C PHE C 153 -1.80 5.71 -9.64
N PHE C 154 -1.14 4.77 -8.92
CA PHE C 154 -1.74 3.83 -7.97
C PHE C 154 -2.99 3.14 -8.54
N CYS C 155 -2.89 2.66 -9.78
CA CYS C 155 -4.02 2.07 -10.46
C CYS C 155 -3.67 0.89 -11.23
N ARG C 156 -4.71 0.23 -11.73
CA ARG C 156 -4.57 -0.93 -12.62
C ARG C 156 -5.34 -0.64 -13.89
N PRO C 157 -5.01 -1.33 -14.97
CA PRO C 157 -5.61 -1.08 -16.28
C PRO C 157 -7.07 -1.46 -16.42
N HIS C 158 -7.51 -2.32 -15.51
CA HIS C 158 -8.88 -2.82 -15.51
C HIS C 158 -9.77 -1.66 -15.13
N ASN C 159 -9.20 -0.74 -14.39
CA ASN C 159 -9.94 0.37 -13.91
C ASN C 159 -9.51 1.69 -14.48
N ILE C 160 -10.33 2.71 -14.25
CA ILE C 160 -10.03 4.05 -14.65
C ILE C 160 -9.98 4.66 -13.29
N CYS C 161 -8.95 5.42 -13.02
CA CYS C 161 -8.83 6.00 -11.71
C CYS C 161 -8.95 7.49 -11.90
N THR C 162 -9.29 8.25 -10.86
CA THR C 162 -9.37 9.66 -11.05
C THR C 162 -8.93 10.23 -9.75
N PHE C 163 -8.62 11.51 -9.77
CA PHE C 163 -8.16 12.20 -8.60
C PHE C 163 -8.39 13.68 -8.85
N VAL C 164 -8.60 14.44 -7.78
CA VAL C 164 -8.74 15.87 -7.86
C VAL C 164 -7.46 16.31 -7.14
N PRO C 165 -6.47 16.77 -7.92
CA PRO C 165 -5.15 17.11 -7.42
C PRO C 165 -4.93 17.91 -6.17
N ARG C 166 -5.66 19.00 -6.02
CA ARG C 166 -5.43 19.75 -4.81
C ARG C 166 -6.68 20.23 -4.16
N ARG C 167 -7.39 19.28 -3.59
CA ARG C 167 -8.62 19.57 -2.91
C ARG C 167 -9.12 18.25 -2.36
N LYS C 168 -9.70 18.28 -1.16
CA LYS C 168 -10.21 17.03 -0.61
C LYS C 168 -11.48 16.89 -1.37
N ALA C 169 -11.45 15.96 -2.31
CA ALA C 169 -12.59 15.75 -3.14
C ALA C 169 -12.52 14.42 -3.81
N GLY C 170 -13.68 13.95 -4.25
CA GLY C 170 -13.79 12.70 -4.98
C GLY C 170 -15.15 12.08 -4.69
N ILE C 171 -15.31 10.87 -5.19
CA ILE C 171 -16.52 10.09 -4.98
C ILE C 171 -16.68 9.65 -3.51
N CYS C 172 -17.85 9.15 -3.16
CA CYS C 172 -18.17 8.71 -1.81
C CYS C 172 -19.38 7.81 -1.85
N PHE C 173 -19.74 7.37 -0.66
CA PHE C 173 -20.80 6.42 -0.49
C PHE C 173 -22.17 6.81 -0.99
N GLY C 174 -22.61 6.00 -1.93
CA GLY C 174 -23.86 6.24 -2.60
C GLY C 174 -23.56 6.70 -4.02
N ASP C 175 -22.26 6.86 -4.36
CA ASP C 175 -21.86 7.30 -5.71
C ASP C 175 -21.67 6.13 -6.61
N SER C 176 -21.62 4.94 -6.01
CA SER C 176 -21.45 3.66 -6.72
C SER C 176 -22.45 3.47 -7.80
N GLY C 177 -22.07 2.90 -8.93
CA GLY C 177 -22.96 2.69 -10.06
C GLY C 177 -23.14 3.91 -10.98
N GLY C 178 -22.86 5.09 -10.48
CA GLY C 178 -22.96 6.31 -11.27
C GLY C 178 -21.96 6.32 -12.43
N PRO C 179 -22.06 7.30 -13.33
CA PRO C 179 -21.19 7.32 -14.49
C PRO C 179 -20.06 8.29 -14.39
N LEU C 180 -18.99 7.98 -15.11
CA LEU C 180 -17.84 8.91 -15.26
C LEU C 180 -18.05 9.40 -16.71
N ILE C 181 -18.35 10.68 -16.86
CA ILE C 181 -18.64 11.21 -18.20
C ILE C 181 -17.41 12.04 -18.73
N CYS C 182 -16.87 11.64 -19.89
CA CYS C 182 -15.70 12.33 -20.45
C CYS C 182 -16.01 12.63 -21.88
N ASP C 183 -15.96 13.92 -22.26
CA ASP C 183 -16.29 14.37 -23.60
C ASP C 183 -17.73 13.95 -23.98
N GLY C 184 -18.64 14.03 -23.02
CA GLY C 184 -20.02 13.61 -23.27
C GLY C 184 -20.24 12.09 -23.44
N ILE C 185 -19.30 11.24 -23.00
CA ILE C 185 -19.41 9.78 -23.16
C ILE C 185 -19.14 9.18 -21.80
N ILE C 186 -19.86 8.10 -21.50
CA ILE C 186 -19.73 7.40 -20.22
C ILE C 186 -18.49 6.51 -20.31
N GLN C 187 -17.45 6.78 -19.52
CA GLN C 187 -16.24 5.97 -19.63
C GLN C 187 -16.01 5.11 -18.43
N GLY C 188 -16.55 5.53 -17.31
CA GLY C 188 -16.44 4.77 -16.07
C GLY C 188 -17.76 4.65 -15.27
N ILE C 189 -17.76 3.75 -14.30
CA ILE C 189 -18.85 3.55 -13.37
C ILE C 189 -18.17 3.56 -12.04
N ASP C 190 -18.63 4.36 -11.08
CA ASP C 190 -18.01 4.36 -9.74
C ASP C 190 -18.01 2.98 -9.10
N SER C 191 -16.82 2.40 -8.98
CA SER C 191 -16.64 1.04 -8.45
C SER C 191 -16.23 1.16 -6.96
N PHE C 192 -15.01 1.61 -6.68
CA PHE C 192 -14.58 1.71 -5.31
C PHE C 192 -13.65 2.84 -4.97
N VAL C 193 -13.52 3.07 -3.68
CA VAL C 193 -12.62 4.04 -3.15
C VAL C 193 -11.73 3.18 -2.19
N ILE C 194 -10.54 3.65 -1.91
CA ILE C 194 -9.66 2.93 -1.01
C ILE C 194 -9.66 3.62 0.36
N TRP C 195 -9.93 2.85 1.43
CA TRP C 195 -9.99 3.34 2.80
C TRP C 195 -11.18 4.22 3.17
N GLY C 196 -11.45 5.20 2.32
CA GLY C 196 -12.54 6.13 2.55
C GLY C 196 -12.67 7.09 1.36
N CYS C 197 -13.51 8.10 1.54
CA CYS C 197 -13.77 9.11 0.54
C CYS C 197 -12.82 10.29 0.67
N ALA C 198 -12.33 10.81 -0.47
CA ALA C 198 -11.46 12.00 -0.49
C ALA C 198 -10.28 11.91 0.47
N THR C 199 -9.56 10.79 0.43
CA THR C 199 -8.47 10.56 1.36
C THR C 199 -7.42 11.51 0.96
N ARG C 200 -7.41 11.85 -0.33
CA ARG C 200 -6.39 12.70 -0.99
C ARG C 200 -5.07 11.91 -1.12
N LEU C 201 -5.22 10.58 -1.09
CA LEU C 201 -4.12 9.69 -1.09
C LEU C 201 -4.29 8.72 -2.17
N PHE C 202 -5.50 8.21 -2.28
CA PHE C 202 -5.76 7.25 -3.33
C PHE C 202 -6.73 7.81 -4.31
N PRO C 203 -6.65 7.30 -5.52
CA PRO C 203 -7.54 7.69 -6.61
C PRO C 203 -8.83 6.94 -6.31
N ASP C 204 -9.89 7.26 -7.06
CA ASP C 204 -11.19 6.66 -6.86
C ASP C 204 -11.15 5.74 -8.00
N PHE C 205 -11.82 4.64 -7.90
CA PHE C 205 -11.74 3.66 -8.96
C PHE C 205 -13.13 3.51 -9.66
N PHE C 206 -13.10 3.35 -10.98
CA PHE C 206 -14.27 3.28 -11.78
C PHE C 206 -14.13 2.12 -12.68
N THR C 207 -15.26 1.50 -13.02
CA THR C 207 -15.29 0.35 -13.88
C THR C 207 -14.94 0.96 -15.22
N ARG C 208 -14.08 0.30 -15.99
CA ARG C 208 -13.66 0.81 -17.27
C ARG C 208 -14.70 0.37 -18.33
N VAL C 209 -15.69 1.23 -18.58
CA VAL C 209 -16.79 0.94 -19.56
C VAL C 209 -16.45 0.35 -20.94
N ALA C 210 -15.40 0.87 -21.58
CA ALA C 210 -14.96 0.43 -22.90
C ALA C 210 -14.58 -1.03 -22.99
N LEU C 211 -14.21 -1.65 -21.87
CA LEU C 211 -13.88 -3.09 -21.94
C LEU C 211 -15.11 -3.97 -22.22
N TYR C 212 -16.28 -3.46 -21.81
CA TYR C 212 -17.56 -4.17 -21.93
C TYR C 212 -18.52 -3.73 -23.01
N VAL C 213 -18.06 -2.85 -23.88
CA VAL C 213 -18.84 -2.27 -24.92
C VAL C 213 -19.48 -3.30 -25.79
N ASP C 214 -18.72 -4.28 -26.18
CA ASP C 214 -19.27 -5.32 -27.01
C ASP C 214 -20.32 -6.17 -26.33
N TRP C 215 -20.11 -6.47 -25.04
CA TRP C 215 -21.05 -7.27 -24.25
C TRP C 215 -22.36 -6.47 -24.02
N ILE C 216 -22.25 -5.18 -23.76
CA ILE C 216 -23.45 -4.38 -23.57
C ILE C 216 -24.30 -4.31 -24.84
N ARG C 217 -23.66 -4.24 -25.99
CA ARG C 217 -24.35 -4.15 -27.28
C ARG C 217 -25.19 -5.36 -27.61
N SER C 218 -24.56 -6.51 -27.54
CA SER C 218 -25.24 -7.76 -27.79
C SER C 218 -26.32 -7.99 -26.75
N THR C 219 -26.02 -7.69 -25.49
CA THR C 219 -27.02 -7.87 -24.42
C THR C 219 -28.24 -6.99 -24.59
N LEU C 220 -28.03 -5.81 -25.17
CA LEU C 220 -29.10 -4.88 -25.41
C LEU C 220 -30.00 -5.45 -26.47
N ARG C 221 -29.37 -5.89 -27.52
CA ARG C 221 -30.10 -6.44 -28.63
C ARG C 221 -29.85 -7.93 -28.77
N ILE D 1 -18.63 -14.04 8.40
CA ILE D 1 -17.42 -14.60 8.87
C ILE D 1 -17.00 -15.45 7.79
N VAL D 2 -15.76 -15.27 7.33
CA VAL D 2 -15.23 -16.11 6.26
C VAL D 2 -14.43 -17.22 6.88
N GLY D 3 -14.59 -18.44 6.39
CA GLY D 3 -13.84 -19.60 6.89
C GLY D 3 -14.01 -19.98 8.35
N GLY D 4 -15.02 -19.44 9.01
CA GLY D 4 -15.30 -19.80 10.37
C GLY D 4 -16.25 -21.01 10.23
N HIS D 5 -16.95 -21.36 11.30
CA HIS D 5 -17.92 -22.50 11.23
C HIS D 5 -19.17 -22.25 12.07
N GLU D 6 -20.18 -23.07 11.82
CA GLU D 6 -21.45 -22.90 12.48
C GLU D 6 -21.34 -23.04 13.96
N ALA D 7 -21.86 -22.02 14.65
CA ALA D 7 -21.88 -22.01 16.08
C ALA D 7 -22.95 -23.00 16.53
N GLN D 8 -22.88 -23.40 17.78
CA GLN D 8 -23.90 -24.28 18.29
C GLN D 8 -25.02 -23.30 18.42
N PRO D 9 -26.17 -23.79 18.06
CA PRO D 9 -27.37 -23.00 18.08
C PRO D 9 -27.60 -22.44 19.46
N HIS D 10 -27.67 -21.13 19.52
CA HIS D 10 -27.86 -20.45 20.79
C HIS D 10 -26.72 -20.55 21.72
N SER D 11 -25.58 -21.04 21.24
CA SER D 11 -24.43 -21.13 22.12
C SER D 11 -23.85 -19.80 22.52
N ARG D 12 -24.23 -18.75 21.80
CA ARG D 12 -23.78 -17.40 22.18
C ARG D 12 -25.03 -16.57 22.18
N PRO D 13 -25.80 -16.70 23.27
CA PRO D 13 -27.06 -16.04 23.39
C PRO D 13 -27.05 -14.54 23.50
N TYR D 14 -25.88 -13.85 23.42
CA TYR D 14 -25.86 -12.37 23.56
C TYR D 14 -25.85 -11.74 22.14
N MET D 15 -25.88 -12.61 21.12
CA MET D 15 -25.82 -12.27 19.72
C MET D 15 -27.10 -11.64 19.17
N ALA D 16 -26.96 -10.42 18.63
CA ALA D 16 -28.04 -9.64 18.03
C ALA D 16 -27.88 -9.41 16.51
N SER D 17 -28.99 -9.56 15.77
CA SER D 17 -29.05 -9.35 14.31
C SER D 17 -29.76 -8.05 14.14
N LEU D 18 -29.20 -7.13 13.38
CA LEU D 18 -29.85 -5.85 13.17
C LEU D 18 -30.43 -5.97 11.80
N GLN D 19 -31.75 -5.78 11.72
CA GLN D 19 -32.46 -5.94 10.46
C GLN D 19 -33.35 -4.76 10.15
N MET D 20 -34.02 -4.85 9.02
CA MET D 20 -34.91 -3.76 8.69
C MET D 20 -36.34 -4.20 9.04
N ARG D 21 -37.08 -3.32 9.71
CA ARG D 21 -38.46 -3.53 10.11
C ARG D 21 -39.30 -3.91 8.91
N GLY D 22 -40.06 -4.98 9.05
CA GLY D 22 -40.91 -5.44 7.98
C GLY D 22 -40.31 -6.40 6.98
N ASN D 23 -38.99 -6.58 7.03
CA ASN D 23 -38.34 -7.51 6.11
C ASN D 23 -37.52 -8.37 6.96
N PRO D 24 -38.07 -9.51 7.33
CA PRO D 24 -37.40 -10.43 8.22
C PRO D 24 -36.19 -11.03 7.56
N GLY D 25 -35.19 -11.37 8.38
CA GLY D 25 -33.95 -11.97 7.90
C GLY D 25 -33.13 -10.98 7.05
N SER D 26 -33.47 -9.70 7.14
CA SER D 26 -32.79 -8.67 6.39
C SER D 26 -31.63 -8.17 7.24
N HIS D 27 -30.90 -9.13 7.79
CA HIS D 27 -29.74 -8.88 8.67
C HIS D 27 -28.74 -7.95 7.99
N PHE D 28 -28.28 -6.93 8.69
CA PHE D 28 -27.29 -6.06 8.10
C PHE D 28 -26.10 -5.80 9.07
N CYS D 29 -26.21 -6.21 10.32
CA CYS D 29 -25.11 -5.99 11.18
C CYS D 29 -25.40 -6.81 12.38
N GLY D 30 -24.38 -7.07 13.19
CA GLY D 30 -24.53 -7.77 14.45
C GLY D 30 -24.57 -6.71 15.54
N GLY D 31 -24.71 -7.18 16.77
CA GLY D 31 -24.77 -6.32 17.92
C GLY D 31 -24.57 -7.28 19.06
N THR D 32 -24.51 -6.76 20.27
CA THR D 32 -24.30 -7.62 21.38
C THR D 32 -25.20 -7.22 22.51
N LEU D 33 -25.94 -8.15 23.09
CA LEU D 33 -26.83 -7.81 24.24
C LEU D 33 -26.05 -7.63 25.52
N ILE D 34 -25.90 -6.39 25.93
CA ILE D 34 -25.14 -6.08 27.10
C ILE D 34 -25.97 -5.85 28.35
N HIS D 35 -27.25 -5.61 28.13
CA HIS D 35 -28.23 -5.32 29.18
C HIS D 35 -29.59 -5.86 28.63
N PRO D 36 -30.60 -6.13 29.47
CA PRO D 36 -31.89 -6.58 28.93
C PRO D 36 -32.49 -5.60 27.88
N SER D 37 -32.19 -4.31 28.07
CA SER D 37 -32.60 -3.20 27.19
C SER D 37 -31.53 -2.54 26.24
N PHE D 38 -30.24 -2.94 26.28
CA PHE D 38 -29.18 -2.34 25.42
C PHE D 38 -28.35 -3.29 24.60
N VAL D 39 -28.29 -3.02 23.32
CA VAL D 39 -27.52 -3.79 22.38
C VAL D 39 -26.30 -2.92 22.12
N LEU D 40 -25.11 -3.53 22.10
CA LEU D 40 -23.91 -2.80 21.81
C LEU D 40 -23.56 -3.17 20.36
N THR D 41 -23.34 -2.15 19.52
CA THR D 41 -23.03 -2.38 18.11
C THR D 41 -22.08 -1.30 17.57
N ALA D 42 -21.83 -1.32 16.27
CA ALA D 42 -20.95 -0.37 15.56
C ALA D 42 -21.74 0.86 15.08
N ALA D 43 -21.20 2.04 15.30
CA ALA D 43 -21.84 3.27 14.90
C ALA D 43 -22.03 3.38 13.41
N HIS D 44 -21.18 2.68 12.70
CA HIS D 44 -21.33 2.72 11.25
C HIS D 44 -22.53 1.92 10.74
N CYS D 45 -23.04 1.01 11.57
CA CYS D 45 -24.17 0.19 11.15
C CYS D 45 -25.43 1.05 11.05
N LEU D 46 -25.55 1.97 12.01
CA LEU D 46 -26.72 2.81 12.09
C LEU D 46 -26.75 4.02 11.19
N ARG D 47 -25.73 4.18 10.34
CA ARG D 47 -25.74 5.27 9.38
C ARG D 47 -26.26 4.60 8.13
N ASP D 48 -26.66 5.42 7.16
CA ASP D 48 -27.29 4.97 5.92
C ASP D 48 -28.74 4.49 6.23
N ILE D 49 -29.16 4.58 7.49
CA ILE D 49 -30.47 4.07 7.96
C ILE D 49 -31.17 4.80 9.14
N PRO D 50 -32.45 5.07 8.97
CA PRO D 50 -33.13 5.78 10.02
C PRO D 50 -33.50 4.72 11.08
N GLN D 51 -33.37 5.10 12.35
CA GLN D 51 -33.72 4.26 13.52
C GLN D 51 -35.00 3.49 13.42
N ARG D 52 -36.07 4.22 13.13
CA ARG D 52 -37.41 3.68 13.02
C ARG D 52 -37.54 2.52 12.08
N LEU D 53 -36.57 2.37 11.17
CA LEU D 53 -36.59 1.27 10.23
C LEU D 53 -35.83 0.09 10.80
N VAL D 54 -35.18 0.29 11.94
CA VAL D 54 -34.38 -0.77 12.52
C VAL D 54 -35.13 -1.76 13.35
N ASN D 55 -34.70 -3.00 13.22
CA ASN D 55 -35.28 -4.08 13.95
C ASN D 55 -34.17 -4.94 14.58
N VAL D 56 -34.07 -4.93 15.90
CA VAL D 56 -33.10 -5.74 16.61
C VAL D 56 -33.80 -7.10 16.82
N VAL D 57 -33.26 -8.19 16.28
CA VAL D 57 -33.79 -9.57 16.45
C VAL D 57 -32.92 -10.40 17.41
N LEU D 58 -33.44 -10.79 18.58
CA LEU D 58 -32.62 -11.60 19.52
C LEU D 58 -32.93 -13.07 19.57
N GLY D 59 -32.02 -13.83 20.14
CA GLY D 59 -32.21 -15.27 20.22
C GLY D 59 -32.35 -16.04 18.94
N ALA D 60 -31.64 -15.62 17.91
CA ALA D 60 -31.68 -16.35 16.65
C ALA D 60 -30.44 -17.25 16.48
N HIS D 61 -30.49 -18.11 15.44
CA HIS D 61 -29.38 -18.95 14.97
C HIS D 61 -29.41 -18.77 13.43
N ASN D 62 -30.59 -19.06 12.87
CA ASN D 62 -30.91 -18.90 11.47
C ASN D 62 -31.75 -17.64 11.40
N VAL D 63 -31.18 -16.52 10.96
CA VAL D 63 -31.91 -15.27 10.92
C VAL D 63 -32.93 -15.15 9.81
N ARG D 64 -32.77 -15.97 8.79
CA ARG D 64 -33.74 -15.95 7.72
C ARG D 64 -34.69 -17.13 7.84
N THR D 65 -35.21 -17.25 9.05
CA THR D 65 -36.12 -18.31 9.48
C THR D 65 -36.90 -17.71 10.67
N GLN D 66 -38.10 -18.23 10.94
CA GLN D 66 -38.99 -17.76 12.03
C GLN D 66 -38.81 -18.58 13.30
N GLU D 67 -37.68 -18.43 13.94
CA GLU D 67 -37.39 -19.19 15.14
C GLU D 67 -38.22 -18.75 16.32
N PRO D 68 -38.70 -19.78 17.02
CA PRO D 68 -39.48 -19.66 18.26
C PRO D 68 -38.71 -18.91 19.31
N THR D 69 -37.39 -18.94 19.20
CA THR D 69 -36.48 -18.29 20.15
C THR D 69 -36.30 -16.84 19.82
N GLN D 70 -36.67 -16.48 18.60
CA GLN D 70 -36.50 -15.11 18.18
C GLN D 70 -37.37 -14.09 18.88
N GLN D 71 -36.73 -13.04 19.39
CA GLN D 71 -37.40 -11.95 20.01
C GLN D 71 -37.05 -10.63 19.25
N HIS D 72 -38.07 -9.82 18.85
CA HIS D 72 -37.91 -8.55 18.08
C HIS D 72 -38.18 -7.29 18.83
N PHE D 73 -37.32 -6.34 18.58
CA PHE D 73 -37.38 -5.04 19.20
C PHE D 73 -37.11 -3.94 18.18
N SER D 74 -37.57 -2.74 18.50
CA SER D 74 -37.35 -1.61 17.64
C SER D 74 -36.52 -0.65 18.49
N VAL D 75 -36.00 0.41 17.88
CA VAL D 75 -35.15 1.34 18.61
C VAL D 75 -35.78 2.47 19.31
N ALA D 76 -35.65 2.49 20.62
CA ALA D 76 -36.18 3.58 21.41
C ALA D 76 -35.25 4.74 21.34
N GLN D 77 -33.97 4.45 21.22
CA GLN D 77 -32.96 5.50 21.19
C GLN D 77 -31.61 4.91 20.90
N VAL D 78 -30.66 5.76 20.57
CA VAL D 78 -29.28 5.31 20.31
C VAL D 78 -28.37 6.39 20.85
N PHE D 79 -27.18 5.98 21.28
CA PHE D 79 -26.20 6.91 21.84
C PHE D 79 -24.86 6.66 21.16
N LEU D 80 -24.15 7.76 20.87
CA LEU D 80 -22.85 7.68 20.24
C LEU D 80 -21.79 8.35 21.07
N ASN D 81 -20.54 8.04 20.74
CA ASN D 81 -19.43 8.65 21.47
C ASN D 81 -18.42 9.16 20.53
N ASN D 82 -18.78 10.23 19.83
CA ASN D 82 -17.86 10.89 18.92
C ASN D 82 -17.29 10.00 17.84
N TYR D 83 -18.20 9.36 17.14
CA TYR D 83 -17.82 8.51 16.09
C TYR D 83 -17.14 9.36 14.98
N ASP D 84 -15.95 8.92 14.54
CA ASP D 84 -15.24 9.62 13.46
C ASP D 84 -15.29 8.72 12.25
N ALA D 85 -16.13 9.05 11.29
CA ALA D 85 -16.25 8.17 10.14
C ALA D 85 -15.06 8.16 9.16
N GLU D 86 -14.37 9.30 9.14
CA GLU D 86 -13.25 9.50 8.26
C GLU D 86 -12.07 8.66 8.72
N ASN D 87 -11.79 8.76 10.02
CA ASN D 87 -10.70 8.05 10.70
C ASN D 87 -11.11 6.68 11.23
N LYS D 88 -12.42 6.38 11.18
CA LYS D 88 -12.96 5.12 11.66
C LYS D 88 -12.67 4.97 13.15
N LEU D 89 -12.90 6.05 13.89
CA LEU D 89 -12.66 6.08 15.30
C LEU D 89 -13.99 6.08 16.07
N ASN D 90 -13.98 5.50 17.28
CA ASN D 90 -15.12 5.44 18.17
C ASN D 90 -16.36 4.84 17.51
N ASP D 91 -16.09 3.85 16.65
CA ASP D 91 -17.11 3.14 15.91
C ASP D 91 -17.86 2.27 16.91
N ILE D 92 -18.60 2.92 17.82
CA ILE D 92 -19.37 2.26 18.86
C ILE D 92 -20.75 2.90 19.05
N LEU D 93 -21.76 2.03 19.19
CA LEU D 93 -23.15 2.48 19.30
C LEU D 93 -23.95 1.64 20.29
N LEU D 94 -24.64 2.35 21.16
CA LEU D 94 -25.46 1.73 22.16
C LEU D 94 -26.87 1.93 21.66
N ILE D 95 -27.57 0.84 21.43
CA ILE D 95 -28.96 0.91 20.99
C ILE D 95 -29.89 0.59 22.19
N GLN D 96 -30.83 1.48 22.48
CA GLN D 96 -31.80 1.25 23.56
C GLN D 96 -33.03 0.57 22.98
N LEU D 97 -33.32 -0.65 23.42
CA LEU D 97 -34.45 -1.37 22.88
C LEU D 97 -35.82 -0.72 23.27
N SER D 98 -36.80 -0.91 22.38
CA SER D 98 -38.20 -0.46 22.54
C SER D 98 -38.75 -1.04 23.85
N SER D 99 -38.39 -2.31 24.09
CA SER D 99 -38.74 -3.06 25.31
C SER D 99 -37.51 -3.93 25.80
N PRO D 100 -37.51 -4.33 27.07
CA PRO D 100 -36.41 -5.15 27.63
C PRO D 100 -36.56 -6.56 27.17
N ALA D 101 -35.45 -7.15 26.76
CA ALA D 101 -35.53 -8.52 26.28
C ALA D 101 -35.88 -9.46 27.45
N ASN D 102 -36.47 -10.60 27.10
CA ASN D 102 -36.84 -11.63 28.06
C ASN D 102 -35.60 -12.54 28.11
N LEU D 103 -34.78 -12.35 29.15
CA LEU D 103 -33.55 -13.13 29.38
C LEU D 103 -33.96 -14.58 29.68
N SER D 104 -33.87 -15.39 28.64
CA SER D 104 -34.26 -16.75 28.66
C SER D 104 -33.08 -17.67 28.32
N ALA D 105 -33.40 -18.90 27.93
CA ALA D 105 -32.39 -19.85 27.56
C ALA D 105 -31.57 -19.40 26.35
N SER D 106 -32.22 -18.93 25.29
CA SER D 106 -31.50 -18.54 24.08
C SER D 106 -31.22 -17.07 23.96
N VAL D 107 -31.43 -16.32 25.00
CA VAL D 107 -31.18 -14.89 24.96
C VAL D 107 -30.53 -14.51 26.29
N ALA D 108 -29.28 -14.04 26.23
CA ALA D 108 -28.54 -13.68 27.44
C ALA D 108 -27.66 -12.45 27.19
N THR D 109 -27.06 -11.99 28.28
CA THR D 109 -26.16 -10.89 28.23
C THR D 109 -24.70 -11.41 28.32
N VAL D 110 -23.74 -10.49 28.27
CA VAL D 110 -22.32 -10.81 28.33
C VAL D 110 -21.65 -9.73 29.11
N GLN D 111 -20.53 -10.08 29.72
CA GLN D 111 -19.83 -9.12 30.54
C GLN D 111 -18.98 -8.15 29.68
N LEU D 112 -18.86 -6.91 30.16
CA LEU D 112 -18.06 -5.85 29.57
C LEU D 112 -16.66 -5.95 30.20
N PRO D 113 -15.67 -5.39 29.53
CA PRO D 113 -14.36 -5.49 30.05
C PRO D 113 -14.25 -4.45 31.11
N GLN D 114 -13.05 -4.33 31.66
CA GLN D 114 -12.82 -3.27 32.63
C GLN D 114 -12.34 -2.12 31.77
N GLN D 115 -12.59 -0.91 32.23
CA GLN D 115 -12.16 0.29 31.54
C GLN D 115 -10.63 0.26 31.38
N ASP D 116 -10.14 0.42 30.15
CA ASP D 116 -8.71 0.42 29.86
C ASP D 116 -8.02 -0.92 29.95
N GLN D 117 -8.84 -1.93 30.05
CA GLN D 117 -8.38 -3.29 30.10
C GLN D 117 -7.69 -3.64 28.79
N PRO D 118 -6.55 -4.33 28.94
CA PRO D 118 -5.73 -4.75 27.83
C PRO D 118 -6.04 -6.14 27.28
N VAL D 119 -5.86 -6.25 25.98
CA VAL D 119 -6.03 -7.46 25.21
C VAL D 119 -4.73 -7.56 24.42
N PRO D 120 -3.87 -8.42 24.93
CA PRO D 120 -2.57 -8.54 24.34
C PRO D 120 -2.52 -9.32 23.07
N HIS D 121 -1.43 -9.06 22.34
CA HIS D 121 -1.05 -9.72 21.08
C HIS D 121 -1.07 -11.21 21.42
N GLY D 122 -1.56 -12.05 20.53
CA GLY D 122 -1.60 -13.45 20.88
C GLY D 122 -2.88 -13.97 21.62
N THR D 123 -3.71 -13.06 22.17
CA THR D 123 -4.99 -13.42 22.84
C THR D 123 -5.89 -14.13 21.81
N GLN D 124 -6.48 -15.22 22.24
CA GLN D 124 -7.29 -15.99 21.33
C GLN D 124 -8.66 -15.61 21.73
N CYS D 125 -9.46 -15.20 20.75
CA CYS D 125 -10.84 -14.78 20.95
C CYS D 125 -11.69 -15.44 19.99
N LEU D 126 -12.99 -15.27 20.19
CA LEU D 126 -13.87 -15.83 19.23
C LEU D 126 -14.51 -14.62 18.54
N ALA D 127 -14.65 -14.68 17.22
CA ALA D 127 -15.39 -13.67 16.45
C ALA D 127 -16.63 -14.41 15.83
N MET D 128 -17.82 -13.81 15.84
CA MET D 128 -18.98 -14.51 15.26
C MET D 128 -19.88 -13.57 14.48
N GLY D 129 -20.77 -14.13 13.67
CA GLY D 129 -21.68 -13.28 12.95
C GLY D 129 -22.43 -13.92 11.83
N TRP D 130 -23.46 -13.23 11.34
CA TRP D 130 -24.23 -13.79 10.22
C TRP D 130 -23.76 -13.28 8.88
N GLY D 131 -22.74 -12.43 8.91
CA GLY D 131 -22.14 -11.80 7.74
C GLY D 131 -21.74 -12.73 6.61
N ARG D 132 -21.35 -12.12 5.49
CA ARG D 132 -20.95 -12.83 4.27
C ARG D 132 -19.89 -13.86 4.60
N VAL D 133 -20.02 -15.00 3.97
CA VAL D 133 -19.14 -16.10 4.24
C VAL D 133 -18.03 -16.23 3.16
N GLY D 134 -17.94 -15.22 2.30
CA GLY D 134 -16.98 -15.15 1.22
C GLY D 134 -17.58 -14.03 0.38
N ALA D 135 -16.77 -13.00 0.07
CA ALA D 135 -17.21 -11.79 -0.66
C ALA D 135 -18.02 -11.97 -1.95
N HIS D 136 -18.01 -13.19 -2.50
CA HIS D 136 -18.71 -13.55 -3.74
C HIS D 136 -19.86 -14.57 -3.54
N ASP D 137 -20.21 -14.85 -2.29
CA ASP D 137 -21.23 -15.84 -1.97
C ASP D 137 -22.35 -15.28 -1.14
N PRO D 138 -23.64 -15.58 -1.56
CA PRO D 138 -24.88 -15.19 -0.79
C PRO D 138 -24.71 -15.43 0.68
N PRO D 139 -25.28 -14.53 1.49
CA PRO D 139 -25.04 -14.48 2.93
C PRO D 139 -25.21 -15.79 3.70
N ALA D 140 -25.02 -15.67 5.00
CA ALA D 140 -25.07 -16.80 5.89
C ALA D 140 -26.43 -16.89 6.64
N GLN D 141 -27.11 -17.99 6.52
CA GLN D 141 -28.37 -18.20 7.26
C GLN D 141 -28.01 -18.35 8.73
N VAL D 142 -27.11 -19.30 8.98
CA VAL D 142 -26.67 -19.58 10.32
C VAL D 142 -25.51 -18.78 10.89
N LEU D 143 -25.56 -18.52 12.20
CA LEU D 143 -24.52 -17.81 12.94
C LEU D 143 -23.22 -18.53 12.78
N GLN D 144 -22.15 -17.85 12.39
CA GLN D 144 -20.87 -18.52 12.24
C GLN D 144 -19.96 -17.96 13.25
N GLU D 145 -18.99 -18.76 13.67
CA GLU D 145 -18.05 -18.25 14.68
C GLU D 145 -16.65 -18.59 14.17
N LEU D 146 -15.65 -17.89 14.68
CA LEU D 146 -14.28 -18.12 14.22
C LEU D 146 -13.29 -17.70 15.31
N ASN D 147 -12.36 -18.62 15.58
CA ASN D 147 -11.31 -18.36 16.59
C ASN D 147 -10.28 -17.46 15.92
N VAL D 148 -9.95 -16.36 16.55
CA VAL D 148 -9.01 -15.49 15.94
C VAL D 148 -7.99 -15.20 17.03
N THR D 149 -6.91 -14.55 16.63
CA THR D 149 -5.86 -14.17 17.54
C THR D 149 -5.63 -12.68 17.44
N VAL D 150 -5.53 -12.01 18.58
CA VAL D 150 -5.25 -10.57 18.63
C VAL D 150 -3.80 -10.31 18.22
N VAL D 151 -3.62 -9.39 17.30
CA VAL D 151 -2.32 -9.06 16.78
C VAL D 151 -2.11 -7.58 16.87
N THR D 152 -0.87 -7.18 16.82
CA THR D 152 -0.55 -5.79 16.94
C THR D 152 -0.11 -5.20 15.60
N PHE D 153 0.22 -6.05 14.66
CA PHE D 153 0.65 -5.56 13.35
C PHE D 153 -0.40 -4.92 12.50
N PHE D 154 0.03 -3.86 11.83
CA PHE D 154 -0.77 -3.04 10.92
C PHE D 154 -1.98 -2.58 11.64
N CYS D 155 -1.76 -2.19 12.89
CA CYS D 155 -2.83 -1.84 13.79
C CYS D 155 -2.61 -0.48 14.44
N ARG D 156 -3.67 0.01 15.05
CA ARG D 156 -3.70 1.30 15.72
C ARG D 156 -4.04 0.90 17.15
N PRO D 157 -3.53 1.59 18.16
CA PRO D 157 -3.88 1.29 19.55
C PRO D 157 -5.34 1.49 19.79
N HIS D 158 -5.95 2.29 18.92
CA HIS D 158 -7.36 2.58 19.02
C HIS D 158 -8.21 1.35 18.88
N ASN D 159 -7.77 0.46 18.02
CA ASN D 159 -8.46 -0.76 17.72
C ASN D 159 -7.83 -1.98 18.28
N ILE D 160 -8.51 -3.09 18.05
CA ILE D 160 -7.99 -4.37 18.42
C ILE D 160 -7.98 -5.03 17.06
N CYS D 161 -6.85 -5.60 16.63
CA CYS D 161 -6.83 -6.29 15.36
C CYS D 161 -6.66 -7.77 15.59
N THR D 162 -7.14 -8.59 14.65
CA THR D 162 -7.08 -10.03 14.80
C THR D 162 -6.61 -10.58 13.51
N PHE D 163 -6.19 -11.82 13.53
CA PHE D 163 -5.70 -12.37 12.28
C PHE D 163 -5.77 -13.89 12.33
N VAL D 164 -5.98 -14.49 11.18
CA VAL D 164 -5.98 -15.94 11.02
C VAL D 164 -4.87 -16.24 9.97
N PRO D 165 -3.69 -16.56 10.49
CA PRO D 165 -2.51 -16.79 9.68
C PRO D 165 -2.58 -18.05 8.88
N ARG D 166 -3.06 -19.07 9.58
CA ARG D 166 -3.12 -20.40 9.01
C ARG D 166 -4.00 -20.53 7.83
N ARG D 167 -5.09 -19.77 7.81
CA ARG D 167 -6.03 -19.92 6.74
C ARG D 167 -6.73 -18.68 6.25
N LYS D 168 -7.48 -18.84 5.15
CA LYS D 168 -8.24 -17.75 4.57
C LYS D 168 -9.48 -17.56 5.44
N ALA D 169 -9.39 -16.66 6.41
CA ALA D 169 -10.51 -16.43 7.32
C ALA D 169 -10.48 -15.01 7.86
N GLY D 170 -11.62 -14.59 8.38
CA GLY D 170 -11.77 -13.29 8.98
C GLY D 170 -13.21 -12.84 8.86
N ILE D 171 -13.50 -11.64 9.39
CA ILE D 171 -14.82 -11.05 9.35
C ILE D 171 -15.11 -10.56 7.95
N CYS D 172 -16.41 -10.55 7.59
CA CYS D 172 -16.88 -10.10 6.26
C CYS D 172 -18.08 -9.16 6.42
N PHE D 173 -18.61 -8.65 5.33
CA PHE D 173 -19.78 -7.76 5.38
C PHE D 173 -20.98 -8.45 5.98
N GLY D 174 -21.56 -7.79 6.98
CA GLY D 174 -22.67 -8.32 7.76
C GLY D 174 -22.21 -8.56 9.20
N ASP D 175 -20.90 -8.72 9.35
CA ASP D 175 -20.30 -9.00 10.63
C ASP D 175 -20.14 -7.78 11.44
N SER D 176 -20.36 -6.62 10.81
CA SER D 176 -20.19 -5.32 11.45
C SER D 176 -21.06 -5.21 12.67
N GLY D 177 -20.54 -4.60 13.72
CA GLY D 177 -21.28 -4.47 14.92
C GLY D 177 -21.23 -5.71 15.85
N GLY D 178 -20.86 -6.86 15.33
CA GLY D 178 -20.73 -8.09 16.10
C GLY D 178 -19.72 -7.99 17.24
N PRO D 179 -19.63 -9.01 18.08
CA PRO D 179 -18.75 -8.92 19.23
C PRO D 179 -17.43 -9.71 19.08
N LEU D 180 -16.37 -9.33 19.75
CA LEU D 180 -15.19 -10.17 19.64
C LEU D 180 -15.10 -10.78 21.05
N ILE D 181 -15.25 -12.09 21.16
CA ILE D 181 -15.25 -12.68 22.50
C ILE D 181 -13.94 -13.29 22.97
N CYS D 182 -13.44 -12.70 24.05
CA CYS D 182 -12.18 -13.15 24.65
C CYS D 182 -12.36 -13.53 26.09
N ASP D 183 -12.27 -14.83 26.36
CA ASP D 183 -12.38 -15.33 27.73
C ASP D 183 -13.74 -14.93 28.31
N GLY D 184 -14.82 -15.19 27.57
CA GLY D 184 -16.17 -14.87 28.04
C GLY D 184 -16.53 -13.39 28.02
N ILE D 185 -15.55 -12.51 27.80
CA ILE D 185 -15.75 -11.06 27.79
C ILE D 185 -15.70 -10.47 26.36
N ILE D 186 -16.51 -9.43 26.14
CA ILE D 186 -16.55 -8.82 24.84
C ILE D 186 -15.45 -7.82 24.85
N GLN D 187 -14.50 -8.01 23.96
CA GLN D 187 -13.40 -7.07 23.96
C GLN D 187 -13.48 -6.19 22.73
N GLY D 188 -14.08 -6.71 21.66
CA GLY D 188 -14.15 -5.90 20.47
C GLY D 188 -15.47 -5.96 19.81
N ILE D 189 -15.65 -5.02 18.89
CA ILE D 189 -16.83 -4.90 18.06
C ILE D 189 -16.33 -4.81 16.61
N ASP D 190 -16.82 -5.67 15.71
CA ASP D 190 -16.46 -5.62 14.30
C ASP D 190 -16.62 -4.22 13.72
N SER D 191 -15.49 -3.60 13.37
CA SER D 191 -15.47 -2.24 12.85
C SER D 191 -15.13 -2.13 11.38
N PHE D 192 -14.06 -2.80 10.96
CA PHE D 192 -13.61 -2.75 9.57
C PHE D 192 -12.55 -3.74 9.10
N VAL D 193 -12.53 -3.97 7.81
CA VAL D 193 -11.56 -4.80 7.17
C VAL D 193 -10.85 -3.84 6.22
N ILE D 194 -9.72 -4.26 5.66
CA ILE D 194 -9.01 -3.41 4.73
C ILE D 194 -9.21 -4.00 3.39
N TRP D 195 -9.62 -3.16 2.46
CA TRP D 195 -9.89 -3.58 1.10
C TRP D 195 -11.02 -4.56 0.92
N GLY D 196 -10.89 -5.67 1.62
CA GLY D 196 -11.83 -6.74 1.49
C GLY D 196 -11.78 -7.68 2.68
N CYS D 197 -12.43 -8.82 2.47
CA CYS D 197 -12.63 -9.88 3.47
C CYS D 197 -11.64 -11.02 3.32
N ALA D 198 -10.91 -11.37 4.40
CA ALA D 198 -9.97 -12.49 4.33
C ALA D 198 -8.93 -12.38 3.18
N THR D 199 -8.21 -11.25 3.16
CA THR D 199 -7.22 -11.00 2.14
C THR D 199 -5.98 -11.82 2.43
N ARG D 200 -5.83 -12.21 3.68
CA ARG D 200 -4.70 -12.92 4.25
C ARG D 200 -3.55 -11.94 4.32
N LEU D 201 -3.81 -10.65 4.11
CA LEU D 201 -2.81 -9.60 4.07
C LEU D 201 -2.90 -8.62 5.19
N PHE D 202 -4.11 -8.37 5.72
CA PHE D 202 -4.16 -7.45 6.85
C PHE D 202 -5.08 -8.02 7.88
N PRO D 203 -4.91 -7.56 9.12
CA PRO D 203 -5.73 -7.99 10.24
C PRO D 203 -7.17 -7.42 10.00
N ASP D 204 -8.14 -7.77 10.85
CA ASP D 204 -9.53 -7.29 10.72
C ASP D 204 -9.52 -6.37 11.87
N PHE D 205 -10.25 -5.27 11.81
CA PHE D 205 -10.23 -4.26 12.89
C PHE D 205 -11.50 -4.27 13.74
N PHE D 206 -11.36 -4.07 15.04
CA PHE D 206 -12.47 -4.11 15.95
C PHE D 206 -12.33 -2.89 16.78
N THR D 207 -13.45 -2.33 17.24
CA THR D 207 -13.47 -1.19 18.13
C THR D 207 -12.99 -1.80 19.42
N ARG D 208 -12.21 -1.05 20.19
CA ARG D 208 -11.67 -1.52 21.44
C ARG D 208 -12.62 -1.13 22.56
N VAL D 209 -13.49 -2.07 22.93
CA VAL D 209 -14.53 -1.81 23.95
C VAL D 209 -14.10 -1.24 25.27
N ALA D 210 -12.94 -1.68 25.75
CA ALA D 210 -12.40 -1.20 27.04
C ALA D 210 -12.18 0.27 27.11
N LEU D 211 -12.12 0.90 25.96
CA LEU D 211 -11.94 2.33 25.92
C LEU D 211 -13.23 3.00 26.44
N TYR D 212 -14.35 2.37 26.14
CA TYR D 212 -15.59 3.03 26.42
C TYR D 212 -16.45 2.49 27.54
N VAL D 213 -15.89 1.68 28.44
CA VAL D 213 -16.66 1.11 29.54
C VAL D 213 -17.34 2.15 30.46
N ASP D 214 -16.61 3.20 30.78
CA ASP D 214 -17.11 4.24 31.67
C ASP D 214 -18.30 4.94 31.04
N TRP D 215 -18.18 5.19 29.75
CA TRP D 215 -19.24 5.81 29.01
C TRP D 215 -20.48 4.90 28.95
N ILE D 216 -20.28 3.62 28.66
CA ILE D 216 -21.38 2.70 28.52
C ILE D 216 -22.18 2.55 29.79
N ARG D 217 -21.46 2.56 30.90
CA ARG D 217 -22.02 2.45 32.24
C ARG D 217 -22.85 3.70 32.64
N SER D 218 -22.28 4.85 32.38
CA SER D 218 -22.94 6.11 32.64
C SER D 218 -24.14 6.23 31.70
N THR D 219 -24.01 5.73 30.46
CA THR D 219 -25.13 5.78 29.50
C THR D 219 -26.26 4.85 29.93
N LEU D 220 -25.91 3.74 30.58
CA LEU D 220 -26.94 2.84 31.09
C LEU D 220 -27.41 3.42 32.44
N ARG D 221 -26.81 4.54 32.84
CA ARG D 221 -27.11 5.26 34.10
C ARG D 221 -26.71 4.43 35.31
C1 NAG E . 15.86 -16.20 20.09
C2 NAG E . 15.04 -16.71 21.26
C3 NAG E . 15.70 -17.86 22.03
C4 NAG E . 16.64 -18.76 21.23
C5 NAG E . 17.37 -17.95 20.16
C6 NAG E . 18.00 -18.81 19.17
C7 NAG E . 13.72 -15.08 22.65
C8 NAG E . 13.84 -14.44 24.08
N2 NAG E . 14.88 -15.57 22.17
O3 NAG E . 14.71 -18.70 22.59
O4 NAG E . 17.48 -19.42 22.22
O5 NAG E . 16.36 -17.28 19.38
O6 NAG E . 17.01 -19.22 18.31
O7 NAG E . 12.68 -14.99 21.93
C1 FUC E . 17.04 -20.57 18.10
C2 FUC E . 15.73 -20.90 17.38
C3 FUC E . 15.84 -20.36 15.97
C4 FUC E . 17.24 -20.50 15.32
C5 FUC E . 18.36 -20.02 16.22
C6 FUC E . 19.69 -20.21 15.48
O2 FUC E . 14.54 -20.38 18.02
O3 FUC E . 14.89 -20.89 15.07
O4 FUC E . 17.61 -21.75 14.75
O5 FUC E . 18.27 -20.78 17.44
C1 NAG F . 10.94 18.04 -23.36
C2 NAG F . 10.02 18.48 -24.53
C3 NAG F . 10.75 19.42 -25.49
C4 NAG F . 11.42 20.55 -24.75
C5 NAG F . 12.36 19.80 -23.79
C6 NAG F . 13.20 20.57 -22.88
C7 NAG F . 8.40 16.67 -25.04
C8 NAG F . 8.17 15.55 -26.09
N2 NAG F . 9.49 17.35 -25.31
O3 NAG F . 9.91 19.98 -26.49
O4 NAG F . 12.02 21.33 -25.80
O5 NAG F . 11.54 19.17 -22.81
O6 NAG F . 12.45 20.94 -21.77
O7 NAG F . 7.79 16.88 -23.97
C1 FUC F . 12.66 22.30 -21.50
C2 FUC F . 11.75 22.66 -20.35
C3 FUC F . 12.38 21.99 -19.15
C4 FUC F . 13.90 22.16 -19.07
C5 FUC F . 14.67 21.74 -20.31
C6 FUC F . 16.14 22.14 -20.09
O2 FUC F . 10.43 22.13 -20.48
O3 FUC F . 11.70 22.37 -17.97
O4 FUC F . 14.28 23.47 -18.70
O5 FUC F . 14.07 22.41 -21.42
C1 NAG G . -15.69 20.41 -15.72
C2 NAG G . -14.88 21.55 -16.33
C3 NAG G . -15.79 22.58 -17.00
C4 NAG G . -16.77 21.90 -17.95
C5 NAG G . -17.45 20.68 -17.29
C6 NAG G . -18.08 19.80 -18.29
C7 NAG G . -12.51 22.40 -15.67
C8 NAG G . -11.55 22.54 -14.41
N2 NAG G . -13.88 22.18 -15.42
O3 NAG G . -15.02 23.55 -17.73
O4 NAG G . -17.68 22.90 -18.45
O5 NAG G . -16.46 19.79 -16.73
O6 NAG G . -17.18 18.81 -18.69
O7 NAG G . -12.05 22.58 -16.84
C1 FUC G . -17.10 18.69 -20.09
C2 FUC G . -15.88 17.82 -20.42
C3 FUC G . -16.03 16.43 -19.81
C4 FUC G . -17.47 15.84 -19.79
C5 FUC G . -18.53 16.91 -19.54
C6 FUC G . -19.99 16.51 -19.74
O2 FUC G . -14.67 18.43 -20.00
O3 FUC G . -15.14 15.49 -20.40
O4 FUC G . -17.84 15.10 -20.97
O5 FUC G . -18.28 18.03 -20.42
C1 NAG H . -11.52 -21.45 19.85
C2 NAG H . -10.47 -22.41 20.36
C3 NAG H . -10.95 -23.26 21.55
C4 NAG H . -12.00 -22.61 22.46
C5 NAG H . -12.91 -21.71 21.62
C6 NAG H . -13.71 -20.82 22.49
C7 NAG H . -8.95 -23.58 18.74
C8 NAG H . -8.74 -25.04 18.13
N2 NAG H . -10.16 -23.33 19.25
O3 NAG H . -9.83 -23.61 22.41
O4 NAG H . -12.63 -23.66 23.24
O5 NAG H . -12.10 -20.77 20.92
O6 NAG H . -12.88 -19.78 22.84
O7 NAG H . -8.04 -22.69 18.62
C1 FUC H . -12.93 -19.55 24.21
C2 FUC H . -11.76 -18.61 24.48
C3 FUC H . -12.14 -17.24 23.89
C4 FUC H . -13.63 -16.85 24.05
C5 FUC H . -14.59 -17.97 23.64
C6 FUC H . -16.02 -17.53 23.87
O2 FUC H . -10.49 -19.10 24.00
O3 FUC H . -11.39 -16.15 24.39
O4 FUC H . -14.05 -16.35 25.34
O5 FUC H . -14.27 -19.12 24.44
#